data_6ME9
#
_entry.id   6ME9
#
_cell.length_a   69.400
_cell.length_b   145.700
_cell.length_c   77.200
_cell.angle_alpha   90.00
_cell.angle_beta   106.20
_cell.angle_gamma   90.00
#
_symmetry.space_group_name_H-M   'P 1 21 1'
#
loop_
_entity.id
_entity.type
_entity.pdbx_description
1 polymer 'Soluble cytochrome b562,Melatonin receptor type 1B,Rubredoxin'
2 non-polymer N-{2-[(8S)-1,6,7,8-tetrahydro-2H-indeno[5,4-b]furan-8-yl]ethyl}propanamide
3 non-polymer 'ZINC ION'
#
_entity_poly.entity_id   1
_entity_poly.type   'polypeptide(L)'
_entity_poly.pdbx_seq_one_letter_code
;ADLEDNWETLNDNLKVIEKADNAAQVKDALTKMRAAALDAQKATPPKLEDKSPDSPEMKDFRHGFDILVGQIDDALKLAN
EGKVKEAQAAAEQLKTTRNAYIQKYLGDGARPSWVAPALSAVLIVTTAVDVVGNLLVILSVLRNRKLRNAGNLFLVSLAL
ANLVVAFYPYPLILVAIFYDGWAFGEEHCKASAFVMGLSVIGSVWNITAIAIDRYLYICHSMAYHRIYRRWHTPLHICLI
WLLTVVALLPNFFVGSLEYDPRIYSCTFIQTASTQYTAAVVVIHFLLPIAVVSFCYLRIWVLVLQARMKKYTCTVCGYIY
NPEDGDPDNGVNPGTDFKDIPDDWVCPLCGVGKDQFEEVECLKPSDLRSFLTMFVVFVIFAICFAPLNCIGLAVAINPQE
MAPQIPEGLFVTSYLLAYFNSCLNPIVYGLLDQNFRREYKRILLALWNPRHCIQDASKGS
;
_entity_poly.pdbx_strand_id   A,B
#
loop_
_chem_comp.id
_chem_comp.type
_chem_comp.name
_chem_comp.formula
JEV non-polymer N-{2-[(8S)-1,6,7,8-tetrahydro-2H-indeno[5,4-b]furan-8-yl]ethyl}propanamide 'C16 H21 N O2'
ZN non-polymer 'ZINC ION' 'Zn 2'
#
# COMPACT_ATOMS: atom_id res chain seq x y z
N ALA A 1 44.80 -20.44 -12.38
CA ALA A 1 44.01 -19.82 -11.32
C ALA A 1 43.69 -20.81 -10.19
N ASP A 2 43.74 -20.33 -8.94
CA ASP A 2 43.46 -21.13 -7.73
C ASP A 2 41.97 -21.49 -7.62
N LEU A 3 41.66 -22.56 -6.85
CA LEU A 3 40.30 -23.06 -6.63
C LEU A 3 39.43 -22.05 -5.86
N GLU A 4 40.06 -21.25 -4.98
CA GLU A 4 39.41 -20.22 -4.17
C GLU A 4 38.96 -19.04 -5.05
N ASP A 5 39.79 -18.64 -6.03
CA ASP A 5 39.50 -17.56 -6.98
C ASP A 5 38.42 -17.98 -7.99
N ASN A 6 38.42 -19.27 -8.39
CA ASN A 6 37.45 -19.86 -9.32
C ASN A 6 36.07 -20.04 -8.67
N TRP A 7 36.04 -20.23 -7.33
CA TRP A 7 34.81 -20.40 -6.55
C TRP A 7 33.98 -19.10 -6.54
N GLU A 8 34.66 -17.94 -6.63
CA GLU A 8 34.07 -16.59 -6.67
C GLU A 8 33.62 -16.26 -8.10
N THR A 9 34.49 -16.56 -9.10
CA THR A 9 34.32 -16.32 -10.54
C THR A 9 32.98 -16.82 -11.09
N LEU A 10 32.67 -18.14 -10.98
CA LEU A 10 31.42 -18.71 -11.49
C LEU A 10 30.19 -18.26 -10.66
N ASN A 11 30.42 -17.84 -9.40
CA ASN A 11 29.38 -17.34 -8.49
C ASN A 11 29.02 -15.87 -8.80
N ASP A 12 29.99 -15.11 -9.36
CA ASP A 12 29.83 -13.72 -9.75
C ASP A 12 29.10 -13.58 -11.10
N ASN A 13 29.34 -14.54 -12.03
CA ASN A 13 28.70 -14.58 -13.34
C ASN A 13 27.25 -15.09 -13.26
N LEU A 14 26.92 -15.81 -12.15
CA LEU A 14 25.57 -16.31 -11.88
C LEU A 14 24.62 -15.16 -11.50
N LYS A 15 25.19 -14.09 -10.88
CA LYS A 15 24.47 -12.89 -10.46
C LYS A 15 24.19 -11.98 -11.67
N VAL A 16 24.98 -12.12 -12.74
CA VAL A 16 24.86 -11.36 -14.00
C VAL A 16 23.60 -11.83 -14.76
N ILE A 17 23.37 -13.17 -14.79
CA ILE A 17 22.23 -13.84 -15.45
C ILE A 17 20.89 -13.37 -14.83
N GLU A 18 20.87 -13.11 -13.50
CA GLU A 18 19.68 -12.66 -12.77
C GLU A 18 19.30 -11.21 -13.13
N LYS A 19 20.30 -10.34 -13.37
CA LYS A 19 20.10 -8.93 -13.73
C LYS A 19 20.27 -8.70 -15.27
N ALA A 20 20.31 -9.79 -16.06
CA ALA A 20 20.45 -9.75 -17.52
C ALA A 20 19.17 -9.29 -18.22
N ASP A 21 19.30 -8.75 -19.45
CA ASP A 21 18.19 -8.25 -20.25
C ASP A 21 17.85 -9.18 -21.42
N ASN A 22 18.88 -9.64 -22.18
CA ASN A 22 18.69 -10.54 -23.32
C ASN A 22 19.48 -11.85 -23.16
N ALA A 23 19.18 -12.84 -24.02
CA ALA A 23 19.78 -14.19 -24.04
C ALA A 23 21.26 -14.20 -24.39
N ALA A 24 21.73 -13.22 -25.17
CA ALA A 24 23.14 -13.08 -25.57
C ALA A 24 24.01 -12.73 -24.37
N GLN A 25 23.47 -11.92 -23.42
CA GLN A 25 24.14 -11.53 -22.18
C GLN A 25 24.24 -12.73 -21.23
N VAL A 26 23.26 -13.65 -21.31
CA VAL A 26 23.17 -14.89 -20.53
C VAL A 26 24.17 -15.91 -21.11
N LYS A 27 24.18 -16.07 -22.45
CA LYS A 27 25.06 -16.97 -23.19
C LYS A 27 26.53 -16.61 -22.97
N ASP A 28 26.85 -15.30 -22.87
CA ASP A 28 28.20 -14.80 -22.63
C ASP A 28 28.64 -15.08 -21.18
N ALA A 29 27.67 -15.16 -20.23
CA ALA A 29 27.90 -15.43 -18.82
C ALA A 29 27.99 -16.94 -18.55
N LEU A 30 27.26 -17.76 -19.33
CA LEU A 30 27.27 -19.22 -19.22
C LEU A 30 28.57 -19.81 -19.76
N THR A 31 29.23 -19.11 -20.72
CA THR A 31 30.51 -19.51 -21.34
C THR A 31 31.64 -19.34 -20.31
N LYS A 32 31.65 -18.21 -19.57
CA LYS A 32 32.64 -17.90 -18.55
C LYS A 32 32.47 -18.79 -17.31
N MET A 33 31.21 -19.11 -16.93
CA MET A 33 30.87 -19.94 -15.77
C MET A 33 31.18 -21.43 -16.00
N ARG A 34 31.22 -21.88 -17.27
CA ARG A 34 31.54 -23.26 -17.65
C ARG A 34 33.06 -23.48 -17.69
N ALA A 35 33.82 -22.46 -18.13
CA ALA A 35 35.29 -22.50 -18.22
C ALA A 35 35.91 -22.49 -16.82
N ALA A 36 35.27 -21.77 -15.87
CA ALA A 36 35.69 -21.68 -14.47
C ALA A 36 35.38 -22.98 -13.72
N ALA A 37 34.27 -23.67 -14.08
CA ALA A 37 33.82 -24.94 -13.50
C ALA A 37 34.77 -26.08 -13.88
N LEU A 38 35.35 -26.02 -15.09
CA LEU A 38 36.32 -27.00 -15.58
C LEU A 38 37.68 -26.76 -14.91
N ASP A 39 38.02 -25.48 -14.66
CA ASP A 39 39.27 -25.06 -14.02
C ASP A 39 39.29 -25.40 -12.52
N ALA A 40 38.15 -25.23 -11.82
CA ALA A 40 38.02 -25.54 -10.39
C ALA A 40 38.04 -27.06 -10.14
N GLN A 41 37.69 -27.85 -11.18
CA GLN A 41 37.68 -29.31 -11.18
C GLN A 41 39.12 -29.84 -11.24
N LYS A 42 40.01 -29.14 -11.97
CA LYS A 42 41.43 -29.47 -12.12
C LYS A 42 42.27 -28.68 -11.09
N ALA A 43 41.82 -28.71 -9.81
CA ALA A 43 42.46 -28.06 -8.66
C ALA A 43 42.11 -28.78 -7.35
N THR A 44 43.11 -29.05 -6.50
CA THR A 44 42.91 -29.74 -5.21
C THR A 44 42.41 -28.73 -4.17
N PRO A 45 41.40 -29.10 -3.36
CA PRO A 45 40.89 -28.18 -2.34
C PRO A 45 41.86 -28.00 -1.17
N PRO A 46 41.86 -26.78 -0.60
CA PRO A 46 42.74 -26.48 0.55
C PRO A 46 42.32 -27.19 1.83
N LYS A 47 41.00 -27.44 2.02
CA LYS A 47 40.46 -28.12 3.20
C LYS A 47 40.80 -29.62 3.16
N LEU A 48 40.57 -30.28 2.02
CA LEU A 48 40.87 -31.71 1.83
C LEU A 48 42.23 -31.87 1.11
N GLU A 49 43.26 -31.14 1.61
CA GLU A 49 44.63 -31.16 1.09
C GLU A 49 45.35 -32.46 1.43
N ASP A 50 45.03 -33.07 2.60
CA ASP A 50 45.61 -34.33 3.08
C ASP A 50 45.10 -35.51 2.26
N LYS A 51 43.82 -35.46 1.82
CA LYS A 51 43.15 -36.51 1.02
C LYS A 51 43.80 -36.65 -0.36
N SER A 52 44.16 -37.90 -0.73
CA SER A 52 44.86 -38.28 -1.97
C SER A 52 44.04 -37.97 -3.26
N PRO A 53 44.71 -37.77 -4.44
CA PRO A 53 43.95 -37.44 -5.68
C PRO A 53 43.08 -38.59 -6.21
N ASP A 54 43.43 -39.86 -5.92
CA ASP A 54 42.67 -41.04 -6.37
C ASP A 54 41.67 -41.53 -5.32
N SER A 55 41.97 -41.25 -4.03
CA SER A 55 41.18 -41.65 -2.86
C SER A 55 39.76 -41.07 -2.91
N PRO A 56 38.86 -41.68 -2.13
CA PRO A 56 37.42 -41.58 -2.41
C PRO A 56 36.82 -40.24 -1.95
N GLU A 57 37.60 -39.46 -1.18
CA GLU A 57 37.24 -38.14 -0.65
C GLU A 57 37.31 -37.08 -1.74
N MET A 58 38.40 -37.08 -2.53
CA MET A 58 38.62 -36.11 -3.62
C MET A 58 38.02 -36.59 -4.94
N LYS A 59 37.82 -37.93 -5.08
CA LYS A 59 37.26 -38.58 -6.27
C LYS A 59 35.76 -38.28 -6.43
N ASP A 60 35.06 -38.05 -5.30
CA ASP A 60 33.63 -37.72 -5.27
C ASP A 60 33.40 -36.26 -5.73
N PHE A 61 34.38 -35.36 -5.48
CA PHE A 61 34.32 -33.94 -5.89
C PHE A 61 34.52 -33.81 -7.40
N ARG A 62 35.42 -34.62 -7.99
CA ARG A 62 35.75 -34.67 -9.42
C ARG A 62 34.53 -35.13 -10.25
N HIS A 63 33.76 -36.10 -9.72
CA HIS A 63 32.56 -36.65 -10.37
C HIS A 63 31.33 -35.75 -10.10
N GLY A 64 31.39 -34.98 -9.02
CA GLY A 64 30.34 -34.03 -8.63
C GLY A 64 30.33 -32.77 -9.46
N PHE A 65 31.51 -32.36 -9.96
CA PHE A 65 31.69 -31.17 -10.82
C PHE A 65 31.07 -31.36 -12.20
N ASP A 66 31.13 -32.60 -12.75
CA ASP A 66 30.59 -32.95 -14.07
C ASP A 66 29.06 -32.87 -14.12
N ILE A 67 28.39 -32.95 -12.95
CA ILE A 67 26.93 -32.86 -12.81
C ILE A 67 26.51 -31.39 -13.05
N LEU A 68 27.31 -30.44 -12.52
CA LEU A 68 27.10 -29.00 -12.64
C LEU A 68 27.37 -28.50 -14.07
N VAL A 69 28.40 -29.06 -14.76
CA VAL A 69 28.80 -28.70 -16.14
C VAL A 69 27.67 -29.10 -17.11
N GLY A 70 27.11 -30.29 -16.94
CA GLY A 70 26.01 -30.80 -17.74
C GLY A 70 24.75 -29.95 -17.61
N GLN A 71 24.59 -29.27 -16.45
CA GLN A 71 23.47 -28.37 -16.17
C GLN A 71 23.63 -27.06 -16.95
N ILE A 72 24.88 -26.66 -17.26
CA ILE A 72 25.18 -25.46 -18.06
C ILE A 72 24.87 -25.77 -19.54
N ASP A 73 25.07 -27.03 -19.96
CA ASP A 73 24.78 -27.53 -21.32
C ASP A 73 23.27 -27.47 -21.59
N ASP A 74 22.45 -27.79 -20.59
CA ASP A 74 20.99 -27.75 -20.66
C ASP A 74 20.49 -26.30 -20.65
N ALA A 75 21.24 -25.40 -19.98
CA ALA A 75 20.93 -23.98 -19.89
C ALA A 75 21.33 -23.22 -21.17
N LEU A 76 22.42 -23.66 -21.85
CA LEU A 76 22.90 -22.98 -23.08
C LEU A 76 22.01 -23.26 -24.30
N LYS A 77 21.31 -24.41 -24.34
CA LYS A 77 20.42 -24.79 -25.44
C LYS A 77 19.20 -23.85 -25.46
N LEU A 78 18.76 -23.41 -24.27
CA LEU A 78 17.65 -22.47 -24.08
C LEU A 78 18.09 -21.04 -24.44
N ALA A 79 19.37 -20.70 -24.14
CA ALA A 79 19.96 -19.39 -24.41
C ALA A 79 20.17 -19.16 -25.92
N ASN A 80 20.46 -20.23 -26.69
CA ASN A 80 20.68 -20.18 -28.14
C ASN A 80 19.37 -19.86 -28.89
N GLU A 81 18.23 -20.34 -28.36
CA GLU A 81 16.90 -20.11 -28.92
C GLU A 81 16.44 -18.67 -28.71
N GLY A 82 16.74 -18.10 -27.53
CA GLY A 82 16.36 -16.74 -27.17
C GLY A 82 15.49 -16.60 -25.94
N LYS A 83 15.47 -17.65 -25.08
CA LYS A 83 14.69 -17.68 -23.85
C LYS A 83 15.55 -17.18 -22.69
N VAL A 84 15.10 -16.12 -22.01
CA VAL A 84 15.83 -15.49 -20.89
C VAL A 84 15.24 -15.97 -19.56
N LYS A 85 13.90 -15.94 -19.43
CA LYS A 85 13.16 -16.37 -18.24
C LYS A 85 13.33 -17.88 -18.01
N GLU A 86 13.44 -18.67 -19.09
CA GLU A 86 13.63 -20.12 -19.06
C GLU A 86 15.08 -20.49 -18.68
N ALA A 87 16.07 -19.72 -19.17
CA ALA A 87 17.49 -19.91 -18.89
C ALA A 87 17.85 -19.47 -17.47
N GLN A 88 17.16 -18.41 -16.96
CA GLN A 88 17.35 -17.88 -15.60
C GLN A 88 16.89 -18.91 -14.57
N ALA A 89 15.85 -19.70 -14.90
CA ALA A 89 15.31 -20.77 -14.07
C ALA A 89 16.30 -21.93 -13.99
N ALA A 90 17.02 -22.20 -15.10
CA ALA A 90 18.05 -23.24 -15.20
C ALA A 90 19.32 -22.82 -14.44
N ALA A 91 19.59 -21.50 -14.37
CA ALA A 91 20.74 -20.91 -13.67
C ALA A 91 20.56 -21.02 -12.14
N GLU A 92 19.31 -20.87 -11.66
CA GLU A 92 18.96 -20.98 -10.24
C GLU A 92 19.02 -22.43 -9.77
N GLN A 93 18.72 -23.38 -10.69
CA GLN A 93 18.74 -24.83 -10.45
C GLN A 93 20.19 -25.33 -10.30
N LEU A 94 21.14 -24.70 -11.01
CA LEU A 94 22.57 -25.01 -10.96
C LEU A 94 23.22 -24.38 -9.71
N LYS A 95 22.61 -23.28 -9.20
CA LYS A 95 23.07 -22.54 -8.01
C LYS A 95 22.82 -23.34 -6.72
N THR A 96 21.76 -24.19 -6.70
CA THR A 96 21.39 -25.05 -5.57
C THR A 96 22.31 -26.27 -5.48
N THR A 97 22.83 -26.73 -6.64
CA THR A 97 23.74 -27.87 -6.74
C THR A 97 25.21 -27.41 -6.64
N ARG A 98 25.43 -26.08 -6.43
CA ARG A 98 26.75 -25.46 -6.31
C ARG A 98 27.10 -25.10 -4.84
N ASN A 99 26.11 -25.14 -3.92
CA ASN A 99 26.29 -24.85 -2.51
C ASN A 99 26.08 -26.10 -1.64
N ALA A 100 25.42 -27.14 -2.20
CA ALA A 100 25.13 -28.41 -1.52
C ALA A 100 26.13 -29.49 -1.89
N TYR A 101 26.52 -29.59 -3.18
CA TYR A 101 27.45 -30.59 -3.69
C TYR A 101 28.90 -30.06 -3.75
N ILE A 102 29.10 -28.91 -4.42
CA ILE A 102 30.42 -28.29 -4.62
C ILE A 102 31.01 -27.75 -3.32
N GLN A 103 30.19 -27.14 -2.44
CA GLN A 103 30.66 -26.60 -1.17
C GLN A 103 30.74 -27.72 -0.12
N LYS A 104 31.72 -28.63 -0.32
CA LYS A 104 32.00 -29.79 0.55
C LYS A 104 33.36 -29.61 1.23
N TYR A 105 34.39 -29.23 0.45
CA TYR A 105 35.76 -28.97 0.92
C TYR A 105 36.14 -27.51 0.61
N LEU A 106 35.12 -26.62 0.59
CA LEU A 106 35.27 -25.19 0.33
C LEU A 106 34.41 -24.38 1.31
N GLY A 107 34.98 -23.29 1.81
CA GLY A 107 34.32 -22.39 2.74
C GLY A 107 35.24 -21.87 3.84
N ASP A 108 35.14 -20.55 4.12
CA ASP A 108 35.92 -19.86 5.16
C ASP A 108 35.09 -19.79 6.45
N GLY A 109 34.60 -20.96 6.90
CA GLY A 109 33.80 -21.12 8.10
C GLY A 109 34.61 -21.03 9.37
N ALA A 110 35.02 -19.81 9.75
CA ALA A 110 35.80 -19.54 10.96
C ALA A 110 34.99 -18.68 11.96
N ARG A 111 33.65 -18.93 12.02
CA ARG A 111 32.71 -18.25 12.90
C ARG A 111 32.93 -18.66 14.36
N PRO A 112 32.90 -17.71 15.34
CA PRO A 112 33.09 -18.09 16.74
C PRO A 112 31.91 -18.90 17.27
N SER A 113 32.18 -19.86 18.18
CA SER A 113 31.18 -20.78 18.73
C SER A 113 29.99 -20.11 19.45
N TRP A 114 30.10 -18.82 19.85
CA TRP A 114 29.05 -18.11 20.57
C TRP A 114 27.94 -17.55 19.67
N VAL A 115 28.14 -17.45 18.34
CA VAL A 115 27.11 -16.89 17.46
C VAL A 115 25.91 -17.84 17.31
N ALA A 116 26.11 -19.18 17.34
CA ALA A 116 25.02 -20.14 17.20
C ALA A 116 24.10 -20.20 18.45
N PRO A 117 24.58 -20.33 19.72
CA PRO A 117 23.63 -20.41 20.84
C PRO A 117 23.00 -19.07 21.21
N ALA A 118 23.67 -17.95 20.92
CA ALA A 118 23.13 -16.62 21.22
C ALA A 118 22.00 -16.27 20.26
N LEU A 119 22.30 -16.28 18.95
CA LEU A 119 21.35 -15.97 17.87
C LEU A 119 20.05 -16.72 18.07
N SER A 120 20.15 -18.05 18.26
CA SER A 120 19.03 -18.96 18.44
C SER A 120 18.24 -18.69 19.72
N ALA A 121 18.92 -18.38 20.85
CA ALA A 121 18.24 -18.07 22.12
C ALA A 121 17.46 -16.76 21.98
N VAL A 122 18.11 -15.74 21.38
CA VAL A 122 17.55 -14.42 21.09
C VAL A 122 16.34 -14.62 20.18
N LEU A 123 16.49 -15.44 19.11
CA LEU A 123 15.45 -15.78 18.15
C LEU A 123 14.28 -16.53 18.80
N ILE A 124 14.54 -17.44 19.77
CA ILE A 124 13.47 -18.17 20.45
C ILE A 124 12.70 -17.20 21.36
N VAL A 125 13.42 -16.43 22.19
CA VAL A 125 12.85 -15.44 23.12
C VAL A 125 12.02 -14.40 22.35
N THR A 126 12.59 -13.77 21.28
CA THR A 126 11.93 -12.75 20.47
C THR A 126 10.63 -13.30 19.85
N THR A 127 10.71 -14.41 19.07
CA THR A 127 9.57 -15.06 18.39
C THR A 127 8.46 -15.44 19.40
N ALA A 128 8.83 -15.96 20.59
CA ALA A 128 7.88 -16.35 21.63
C ALA A 128 7.14 -15.15 22.26
N VAL A 129 7.88 -14.05 22.56
CA VAL A 129 7.31 -12.84 23.18
C VAL A 129 6.49 -12.06 22.13
N ASP A 130 6.96 -12.02 20.86
CA ASP A 130 6.32 -11.34 19.74
C ASP A 130 4.92 -11.89 19.44
N VAL A 131 4.83 -13.22 19.18
CA VAL A 131 3.60 -13.92 18.83
C VAL A 131 2.52 -13.81 19.96
N VAL A 132 2.93 -13.57 21.22
CA VAL A 132 1.99 -13.48 22.35
C VAL A 132 1.66 -12.00 22.66
N GLY A 133 2.70 -11.22 22.97
CA GLY A 133 2.63 -9.81 23.33
C GLY A 133 1.97 -8.91 22.29
N ASN A 134 2.50 -8.94 21.03
CA ASN A 134 1.99 -8.13 19.92
C ASN A 134 0.58 -8.58 19.50
N LEU A 135 0.23 -9.85 19.76
CA LEU A 135 -1.10 -10.39 19.48
C LEU A 135 -2.12 -9.79 20.47
N LEU A 136 -1.72 -9.62 21.74
CA LEU A 136 -2.52 -9.01 22.81
C LEU A 136 -2.80 -7.53 22.51
N VAL A 137 -1.86 -6.84 21.82
CA VAL A 137 -2.00 -5.44 21.42
C VAL A 137 -3.14 -5.35 20.39
N ILE A 138 -3.10 -6.22 19.35
CA ILE A 138 -4.11 -6.33 18.30
C ILE A 138 -5.49 -6.58 18.95
N LEU A 139 -5.55 -7.53 19.90
CA LEU A 139 -6.75 -7.92 20.64
C LEU A 139 -7.32 -6.78 21.48
N SER A 140 -6.44 -6.03 22.20
CA SER A 140 -6.85 -4.91 23.07
C SER A 140 -7.31 -3.68 22.28
N VAL A 141 -6.77 -3.45 21.07
CA VAL A 141 -7.17 -2.30 20.26
C VAL A 141 -8.51 -2.62 19.55
N LEU A 142 -8.70 -3.88 19.10
CA LEU A 142 -9.93 -4.31 18.44
C LEU A 142 -11.13 -4.40 19.40
N ARG A 143 -10.86 -4.64 20.71
CA ARG A 143 -11.86 -4.76 21.77
C ARG A 143 -12.26 -3.36 22.29
N ASN A 144 -11.29 -2.61 22.85
CA ASN A 144 -11.51 -1.27 23.42
C ASN A 144 -11.72 -0.25 22.31
N ARG A 145 -12.94 0.32 22.24
CA ARG A 145 -13.33 1.34 21.26
C ARG A 145 -12.78 2.70 21.64
N LYS A 146 -12.69 3.00 22.96
CA LYS A 146 -12.16 4.27 23.50
C LYS A 146 -10.67 4.43 23.24
N LEU A 147 -9.92 3.30 23.23
CA LEU A 147 -8.49 3.27 22.98
C LEU A 147 -8.18 3.36 21.48
N ARG A 148 -9.00 2.66 20.66
CA ARG A 148 -8.85 2.61 19.20
C ARG A 148 -8.96 4.01 18.58
N ASN A 149 -10.02 4.77 18.92
CA ASN A 149 -10.27 6.11 18.39
C ASN A 149 -9.27 7.14 18.93
N ALA A 150 -8.45 6.76 19.93
CA ALA A 150 -7.43 7.63 20.51
C ALA A 150 -6.13 7.59 19.68
N GLY A 151 -6.28 7.48 18.35
CA GLY A 151 -5.20 7.44 17.37
C GLY A 151 -4.30 6.22 17.42
N ASN A 152 -4.75 5.17 18.10
CA ASN A 152 -4.00 3.92 18.27
C ASN A 152 -4.42 2.88 17.22
N LEU A 153 -4.89 3.35 16.05
CA LEU A 153 -5.25 2.49 14.93
C LEU A 153 -3.95 2.10 14.21
N PHE A 154 -2.96 3.01 14.27
CA PHE A 154 -1.58 2.88 13.78
C PHE A 154 -0.80 1.81 14.54
N LEU A 155 -1.26 1.48 15.77
CA LEU A 155 -0.65 0.46 16.60
C LEU A 155 -0.92 -0.92 16.05
N VAL A 156 -2.09 -1.13 15.40
CA VAL A 156 -2.48 -2.40 14.76
C VAL A 156 -1.49 -2.65 13.61
N SER A 157 -1.21 -1.59 12.83
CA SER A 157 -0.30 -1.59 11.69
C SER A 157 1.14 -1.92 12.13
N LEU A 158 1.61 -1.30 13.24
CA LEU A 158 2.95 -1.49 13.78
C LEU A 158 3.10 -2.89 14.40
N ALA A 159 2.04 -3.39 15.08
CA ALA A 159 2.06 -4.71 15.71
C ALA A 159 2.04 -5.84 14.65
N LEU A 160 1.38 -5.60 13.49
CA LEU A 160 1.34 -6.55 12.38
C LEU A 160 2.70 -6.65 11.70
N ALA A 161 3.46 -5.52 11.68
CA ALA A 161 4.82 -5.43 11.13
C ALA A 161 5.78 -6.28 11.99
N ASN A 162 5.57 -6.23 13.32
CA ASN A 162 6.32 -6.97 14.32
C ASN A 162 5.95 -8.46 14.28
N LEU A 163 4.64 -8.77 14.15
CA LEU A 163 4.15 -10.15 14.14
C LEU A 163 4.61 -10.95 12.93
N VAL A 164 4.39 -10.44 11.69
CA VAL A 164 4.68 -11.12 10.41
C VAL A 164 6.15 -11.67 10.33
N VAL A 165 7.13 -10.98 10.95
CA VAL A 165 8.54 -11.39 10.93
C VAL A 165 8.78 -12.64 11.82
N ALA A 166 7.87 -12.91 12.79
CA ALA A 166 7.99 -14.06 13.69
C ALA A 166 7.38 -15.33 13.08
N PHE A 167 6.46 -15.18 12.12
CA PHE A 167 5.78 -16.30 11.51
C PHE A 167 6.51 -16.94 10.32
N TYR A 168 7.24 -16.15 9.50
CA TYR A 168 7.89 -16.71 8.32
C TYR A 168 9.44 -16.65 8.39
N PRO A 169 10.14 -15.47 8.43
CA PRO A 169 11.61 -15.52 8.41
C PRO A 169 12.31 -16.04 9.67
N TYR A 170 11.96 -15.55 10.89
CA TYR A 170 12.59 -15.98 12.15
C TYR A 170 12.66 -17.51 12.33
N PRO A 171 11.58 -18.32 12.10
CA PRO A 171 11.72 -19.77 12.24
C PRO A 171 12.66 -20.40 11.20
N LEU A 172 12.68 -19.87 9.96
CA LEU A 172 13.55 -20.38 8.90
C LEU A 172 15.02 -20.14 9.25
N ILE A 173 15.32 -18.98 9.89
CA ILE A 173 16.66 -18.61 10.36
C ILE A 173 17.10 -19.61 11.42
N LEU A 174 16.17 -20.01 12.32
CA LEU A 174 16.43 -20.98 13.37
C LEU A 174 16.76 -22.36 12.80
N VAL A 175 16.14 -22.74 11.66
CA VAL A 175 16.40 -24.01 10.97
C VAL A 175 17.78 -23.94 10.29
N ALA A 176 18.15 -22.75 9.77
CA ALA A 176 19.44 -22.49 9.10
C ALA A 176 20.62 -22.53 10.09
N ILE A 177 20.37 -22.44 11.42
CA ILE A 177 21.42 -22.51 12.44
C ILE A 177 21.74 -23.99 12.71
N PHE A 178 20.70 -24.78 13.10
CA PHE A 178 20.78 -26.19 13.46
C PHE A 178 21.28 -27.07 12.31
N TYR A 179 20.85 -26.78 11.06
CA TYR A 179 21.27 -27.51 9.86
C TYR A 179 22.58 -26.95 9.29
N ASP A 180 23.02 -25.75 9.76
CA ASP A 180 24.21 -25.01 9.38
C ASP A 180 24.19 -24.73 7.87
N GLY A 181 23.48 -23.67 7.51
CA GLY A 181 23.28 -23.24 6.12
C GLY A 181 21.81 -23.18 5.75
N TRP A 182 21.46 -22.38 4.74
CA TRP A 182 20.08 -22.20 4.29
C TRP A 182 19.57 -23.51 3.68
N ALA A 183 18.72 -24.22 4.45
CA ALA A 183 18.12 -25.52 4.11
C ALA A 183 16.94 -25.40 3.12
N PHE A 184 16.45 -24.16 2.88
CA PHE A 184 15.34 -23.86 1.99
C PHE A 184 15.85 -23.33 0.63
N GLY A 185 14.95 -23.26 -0.36
CA GLY A 185 15.26 -22.80 -1.71
C GLY A 185 15.66 -21.35 -1.84
N GLU A 186 16.02 -20.93 -3.06
CA GLU A 186 16.42 -19.55 -3.34
C GLU A 186 15.20 -18.62 -3.33
N GLU A 187 14.02 -19.14 -3.70
CA GLU A 187 12.76 -18.38 -3.69
C GLU A 187 12.36 -18.07 -2.25
N HIS A 188 12.58 -19.02 -1.32
CA HIS A 188 12.32 -18.87 0.12
C HIS A 188 13.36 -17.96 0.77
N CYS A 189 14.56 -17.86 0.15
CA CYS A 189 15.67 -17.03 0.62
C CYS A 189 15.38 -15.55 0.35
N LYS A 190 15.10 -15.20 -0.92
CA LYS A 190 14.81 -13.84 -1.36
C LYS A 190 13.55 -13.27 -0.68
N ALA A 191 12.54 -14.14 -0.43
CA ALA A 191 11.28 -13.77 0.21
C ALA A 191 11.48 -13.43 1.69
N SER A 192 12.24 -14.28 2.45
CA SER A 192 12.54 -14.08 3.87
C SER A 192 13.16 -12.73 4.12
N ALA A 193 14.14 -12.35 3.29
CA ALA A 193 14.83 -11.06 3.34
C ALA A 193 13.86 -9.89 3.08
N PHE A 194 12.96 -10.06 2.08
CA PHE A 194 11.95 -9.08 1.69
C PHE A 194 10.92 -8.86 2.82
N VAL A 195 10.47 -9.96 3.47
CA VAL A 195 9.53 -9.93 4.58
C VAL A 195 10.14 -9.10 5.73
N MET A 196 11.43 -9.34 6.04
CA MET A 196 12.18 -8.60 7.06
C MET A 196 12.32 -7.12 6.69
N GLY A 197 12.40 -6.83 5.39
CA GLY A 197 12.48 -5.48 4.86
C GLY A 197 11.24 -4.67 5.15
N LEU A 198 10.06 -5.30 4.93
CA LEU A 198 8.74 -4.69 5.20
C LEU A 198 8.60 -4.42 6.69
N SER A 199 9.03 -5.39 7.51
CA SER A 199 8.98 -5.33 8.96
C SER A 199 9.87 -4.21 9.52
N VAL A 200 11.07 -4.01 8.94
CA VAL A 200 12.00 -2.99 9.42
C VAL A 200 11.57 -1.59 8.91
N ILE A 201 11.52 -1.38 7.57
CA ILE A 201 11.17 -0.08 6.95
C ILE A 201 9.73 0.32 7.32
N GLY A 202 8.81 -0.65 7.33
CA GLY A 202 7.41 -0.43 7.70
C GLY A 202 7.25 0.09 9.12
N SER A 203 8.09 -0.39 10.05
CA SER A 203 8.12 0.04 11.46
C SER A 203 8.64 1.48 11.58
N VAL A 204 9.64 1.85 10.76
CA VAL A 204 10.23 3.20 10.73
C VAL A 204 9.16 4.22 10.36
N TRP A 205 8.46 3.99 9.25
CA TRP A 205 7.46 4.92 8.76
C TRP A 205 6.16 4.89 9.58
N ASN A 206 5.90 3.80 10.32
CA ASN A 206 4.72 3.76 11.18
C ASN A 206 4.97 4.63 12.41
N ILE A 207 6.21 4.59 12.96
CA ILE A 207 6.67 5.39 14.10
C ILE A 207 6.63 6.90 13.72
N THR A 208 7.08 7.26 12.49
CA THR A 208 7.09 8.65 12.00
C THR A 208 5.66 9.19 11.84
N ALA A 209 4.74 8.35 11.31
CA ALA A 209 3.34 8.70 11.08
C ALA A 209 2.62 8.92 12.41
N ILE A 210 3.11 8.24 13.48
CA ILE A 210 2.61 8.37 14.84
C ILE A 210 3.17 9.67 15.44
N ALA A 211 4.45 9.99 15.16
CA ALA A 211 5.12 11.20 15.63
C ALA A 211 4.45 12.46 15.07
N ILE A 212 3.92 12.37 13.82
CA ILE A 212 3.22 13.48 13.15
C ILE A 212 1.82 13.66 13.81
N ASP A 213 1.08 12.54 13.99
CA ASP A 213 -0.27 12.49 14.61
C ASP A 213 -0.22 13.00 16.05
N ARG A 214 0.84 12.66 16.79
CA ARG A 214 1.01 13.12 18.16
C ARG A 214 1.62 14.53 18.20
N TYR A 215 2.22 15.02 17.08
CA TYR A 215 2.75 16.39 16.99
C TYR A 215 1.59 17.35 16.77
N LEU A 216 0.68 16.98 15.84
CA LEU A 216 -0.51 17.76 15.45
C LEU A 216 -1.61 17.79 16.55
N TYR A 217 -1.63 16.78 17.44
CA TYR A 217 -2.62 16.66 18.52
C TYR A 217 -2.27 17.56 19.71
N ILE A 218 -0.97 17.83 19.95
CA ILE A 218 -0.49 18.68 21.06
C ILE A 218 -0.22 20.09 20.51
N CYS A 219 0.59 20.22 19.45
CA CYS A 219 0.87 21.50 18.79
C CYS A 219 -0.11 21.64 17.64
N HIS A 220 -0.73 22.82 17.45
CA HIS A 220 -1.77 23.09 16.43
C HIS A 220 -2.99 22.17 16.68
N SER A 221 -3.37 22.02 17.97
CA SER A 221 -4.48 21.19 18.43
C SER A 221 -5.84 21.72 17.95
N MET A 222 -5.94 23.05 17.78
CA MET A 222 -7.15 23.73 17.30
C MET A 222 -7.39 23.36 15.83
N ALA A 223 -6.32 23.42 15.01
CA ALA A 223 -6.32 23.09 13.59
C ALA A 223 -6.60 21.60 13.38
N TYR A 224 -6.11 20.75 14.30
CA TYR A 224 -6.26 19.30 14.28
C TYR A 224 -7.72 18.88 14.23
N HIS A 225 -8.54 19.37 15.18
CA HIS A 225 -9.97 19.01 15.26
C HIS A 225 -10.76 19.53 14.06
N ARG A 226 -10.31 20.62 13.43
CA ARG A 226 -10.94 21.21 12.25
C ARG A 226 -10.80 20.28 11.04
N ILE A 227 -9.70 19.49 10.99
CA ILE A 227 -9.41 18.51 9.94
C ILE A 227 -9.93 17.12 10.37
N TYR A 228 -10.62 16.40 9.47
CA TYR A 228 -11.21 15.08 9.71
C TYR A 228 -10.12 14.05 10.03
N ARG A 229 -10.47 13.05 10.86
CA ARG A 229 -9.57 11.98 11.29
C ARG A 229 -10.29 10.62 11.24
N ARG A 230 -11.53 10.63 10.72
CA ARG A 230 -12.41 9.48 10.62
C ARG A 230 -11.90 8.44 9.61
N TRP A 231 -11.58 8.90 8.39
CA TRP A 231 -11.14 8.09 7.26
C TRP A 231 -9.69 8.43 6.85
N HIS A 232 -9.10 9.46 7.48
CA HIS A 232 -7.75 9.91 7.16
C HIS A 232 -6.67 8.92 7.63
N THR A 233 -6.69 8.48 8.91
CA THR A 233 -5.67 7.55 9.46
C THR A 233 -5.71 6.16 8.78
N PRO A 234 -6.87 5.48 8.45
CA PRO A 234 -6.78 4.20 7.74
C PRO A 234 -6.16 4.34 6.34
N LEU A 235 -6.33 5.51 5.70
CA LEU A 235 -5.76 5.83 4.39
C LEU A 235 -4.23 5.97 4.49
N HIS A 236 -3.74 6.68 5.55
CA HIS A 236 -2.31 6.90 5.79
C HIS A 236 -1.56 5.59 6.02
N ILE A 237 -2.19 4.64 6.75
CA ILE A 237 -1.65 3.30 7.05
C ILE A 237 -1.42 2.54 5.73
N CYS A 238 -2.37 2.65 4.78
CA CYS A 238 -2.32 2.03 3.46
C CYS A 238 -1.17 2.63 2.62
N LEU A 239 -1.04 3.96 2.63
CA LEU A 239 -0.02 4.70 1.87
C LEU A 239 1.40 4.40 2.35
N ILE A 240 1.65 4.38 3.69
CA ILE A 240 2.98 4.14 4.28
C ILE A 240 3.45 2.69 4.01
N TRP A 241 2.51 1.74 3.85
CA TRP A 241 2.83 0.34 3.56
C TRP A 241 3.16 0.16 2.08
N LEU A 242 2.52 0.95 1.18
CA LEU A 242 2.78 0.91 -0.26
C LEU A 242 4.12 1.56 -0.57
N LEU A 243 4.48 2.65 0.15
CA LEU A 243 5.75 3.37 0.07
C LEU A 243 6.91 2.44 0.45
N THR A 244 6.67 1.53 1.41
CA THR A 244 7.62 0.53 1.91
C THR A 244 7.97 -0.47 0.79
N VAL A 245 6.94 -1.02 0.09
CA VAL A 245 7.07 -1.99 -1.02
C VAL A 245 7.86 -1.35 -2.17
N VAL A 246 7.58 -0.07 -2.48
CA VAL A 246 8.24 0.74 -3.52
C VAL A 246 9.75 0.87 -3.19
N ALA A 247 10.06 1.16 -1.91
CA ALA A 247 11.43 1.33 -1.40
C ALA A 247 12.22 -0.01 -1.37
N LEU A 248 11.50 -1.14 -1.35
CA LEU A 248 12.06 -2.50 -1.28
C LEU A 248 12.22 -3.18 -2.65
N LEU A 249 11.66 -2.60 -3.72
CA LEU A 249 11.74 -3.16 -5.07
C LEU A 249 13.16 -3.06 -5.69
N PRO A 250 14.01 -2.01 -5.43
CA PRO A 250 15.36 -1.99 -6.05
C PRO A 250 16.26 -3.18 -5.66
N ASN A 251 15.91 -3.91 -4.59
CA ASN A 251 16.62 -5.11 -4.12
C ASN A 251 16.53 -6.23 -5.15
N PHE A 252 15.39 -6.31 -5.87
CA PHE A 252 15.11 -7.30 -6.90
C PHE A 252 15.96 -7.05 -8.16
N PHE A 253 16.36 -5.78 -8.40
CA PHE A 253 17.17 -5.38 -9.55
C PHE A 253 18.66 -5.48 -9.24
N VAL A 254 19.09 -4.99 -8.06
CA VAL A 254 20.50 -5.00 -7.63
C VAL A 254 20.94 -6.44 -7.27
N GLY A 255 20.05 -7.20 -6.63
CA GLY A 255 20.32 -8.57 -6.20
C GLY A 255 21.03 -8.62 -4.86
N SER A 256 20.57 -7.75 -3.93
CA SER A 256 21.11 -7.60 -2.57
C SER A 256 20.48 -8.57 -1.56
N LEU A 257 19.46 -9.35 -1.98
CA LEU A 257 18.82 -10.31 -1.09
C LEU A 257 19.41 -11.71 -1.33
N GLU A 258 20.48 -12.04 -0.58
CA GLU A 258 21.19 -13.32 -0.63
C GLU A 258 21.54 -13.81 0.78
N TYR A 259 21.86 -15.12 0.92
CA TYR A 259 22.18 -15.74 2.21
C TYR A 259 23.50 -15.23 2.77
N ASP A 260 23.46 -14.78 4.04
CA ASP A 260 24.62 -14.31 4.81
C ASP A 260 24.96 -15.40 5.82
N PRO A 261 26.11 -16.08 5.66
CA PRO A 261 26.43 -17.18 6.60
C PRO A 261 26.84 -16.69 7.99
N ARG A 262 27.30 -15.42 8.10
CA ARG A 262 27.74 -14.77 9.34
C ARG A 262 26.67 -14.81 10.44
N ILE A 263 25.44 -14.46 10.07
CA ILE A 263 24.29 -14.39 10.97
C ILE A 263 23.24 -15.44 10.61
N TYR A 264 23.66 -16.51 9.87
CA TYR A 264 22.84 -17.66 9.43
C TYR A 264 21.49 -17.26 8.80
N SER A 265 21.32 -15.99 8.39
CA SER A 265 20.05 -15.52 7.86
C SER A 265 20.16 -14.90 6.48
N CYS A 266 19.17 -15.22 5.62
CA CYS A 266 19.07 -14.67 4.26
C CYS A 266 18.52 -13.27 4.38
N THR A 267 19.41 -12.28 4.28
CA THR A 267 19.06 -10.87 4.46
C THR A 267 19.77 -9.95 3.43
N PHE A 268 19.53 -8.64 3.56
CA PHE A 268 20.06 -7.56 2.73
C PHE A 268 21.58 -7.47 2.82
N ILE A 269 22.27 -7.32 1.67
CA ILE A 269 23.72 -7.21 1.55
C ILE A 269 24.12 -5.75 1.25
N GLN A 270 25.02 -5.22 2.09
CA GLN A 270 25.51 -3.83 2.07
C GLN A 270 26.55 -3.58 0.96
N THR A 271 27.26 -4.62 0.49
CA THR A 271 28.32 -4.51 -0.52
C THR A 271 27.81 -4.65 -1.98
N ALA A 272 26.55 -5.10 -2.17
CA ALA A 272 25.91 -5.31 -3.48
C ALA A 272 25.89 -4.02 -4.33
N SER A 273 25.56 -2.87 -3.68
CA SER A 273 25.52 -1.53 -4.28
C SER A 273 25.64 -0.47 -3.18
N THR A 274 26.73 0.29 -3.19
CA THR A 274 26.98 1.35 -2.20
C THR A 274 26.08 2.58 -2.45
N GLN A 275 25.44 2.67 -3.64
CA GLN A 275 24.52 3.75 -4.00
C GLN A 275 23.14 3.55 -3.37
N TYR A 276 22.61 2.31 -3.41
CA TYR A 276 21.30 1.97 -2.85
C TYR A 276 21.35 1.90 -1.31
N THR A 277 22.44 1.35 -0.73
CA THR A 277 22.61 1.25 0.73
C THR A 277 22.68 2.64 1.35
N ALA A 278 23.38 3.59 0.68
CA ALA A 278 23.50 4.98 1.12
C ALA A 278 22.10 5.60 1.27
N ALA A 279 21.19 5.28 0.34
CA ALA A 279 19.80 5.75 0.34
C ALA A 279 19.00 5.14 1.49
N VAL A 280 19.31 3.88 1.88
CA VAL A 280 18.63 3.18 2.96
C VAL A 280 19.06 3.79 4.33
N VAL A 281 20.36 4.13 4.47
CA VAL A 281 20.90 4.72 5.70
C VAL A 281 20.40 6.17 5.86
N VAL A 282 20.35 6.96 4.77
CA VAL A 282 19.92 8.36 4.85
C VAL A 282 18.38 8.50 4.80
N ILE A 283 17.75 8.22 3.65
CA ILE A 283 16.31 8.38 3.38
C ILE A 283 15.43 7.45 4.26
N HIS A 284 15.95 6.30 4.73
CA HIS A 284 15.10 5.41 5.53
C HIS A 284 15.60 5.17 6.96
N PHE A 285 16.41 6.12 7.50
CA PHE A 285 16.88 6.08 8.89
C PHE A 285 17.27 7.49 9.37
N LEU A 286 18.40 8.06 8.88
CA LEU A 286 18.91 9.38 9.29
C LEU A 286 17.88 10.51 9.11
N LEU A 287 17.12 10.52 8.00
CA LEU A 287 16.08 11.51 7.74
C LEU A 287 14.82 11.24 8.63
N PRO A 288 14.16 10.04 8.60
CA PRO A 288 12.98 9.85 9.47
C PRO A 288 13.26 9.97 10.97
N ILE A 289 14.51 9.73 11.45
CA ILE A 289 14.84 9.91 12.87
C ILE A 289 14.86 11.42 13.16
N ALA A 290 15.45 12.22 12.24
CA ALA A 290 15.55 13.68 12.32
C ALA A 290 14.20 14.39 12.41
N VAL A 291 13.19 13.94 11.63
CA VAL A 291 11.85 14.57 11.66
C VAL A 291 11.10 14.20 12.95
N VAL A 292 11.37 13.00 13.51
CA VAL A 292 10.74 12.52 14.74
C VAL A 292 11.38 13.25 15.94
N SER A 293 12.72 13.39 15.93
CA SER A 293 13.47 14.08 16.99
C SER A 293 12.99 15.53 17.16
N PHE A 294 12.60 16.19 16.05
CA PHE A 294 12.07 17.56 16.05
C PHE A 294 10.63 17.56 16.60
N CYS A 295 9.81 16.57 16.19
CA CYS A 295 8.42 16.43 16.60
C CYS A 295 8.28 16.38 18.12
N TYR A 296 9.07 15.50 18.78
CA TYR A 296 9.04 15.32 20.24
C TYR A 296 9.78 16.46 20.97
N LEU A 297 10.71 17.16 20.30
CA LEU A 297 11.43 18.30 20.89
C LEU A 297 10.44 19.45 21.11
N ARG A 298 9.53 19.67 20.12
CA ARG A 298 8.49 20.69 20.16
C ARG A 298 7.41 20.37 21.20
N ILE A 299 7.20 19.06 21.49
CA ILE A 299 6.23 18.61 22.51
C ILE A 299 6.85 18.81 23.90
N TRP A 300 8.13 18.40 24.07
CA TRP A 300 8.87 18.49 25.32
C TRP A 300 9.09 19.94 25.77
N VAL A 301 9.21 20.90 24.82
CA VAL A 301 9.39 22.32 25.16
C VAL A 301 8.06 22.88 25.71
N LEU A 302 6.91 22.30 25.29
CA LEU A 302 5.59 22.71 25.81
C LEU A 302 5.42 22.20 27.24
N VAL A 303 5.81 20.94 27.48
CA VAL A 303 5.73 20.31 28.81
C VAL A 303 6.67 21.07 29.77
N LEU A 304 7.89 21.43 29.29
CA LEU A 304 8.89 22.17 30.07
C LEU A 304 8.41 23.59 30.43
N GLN A 305 7.76 24.31 29.47
CA GLN A 305 7.24 25.65 29.70
C GLN A 305 5.89 25.60 30.47
N ALA A 306 5.45 24.37 30.86
CA ALA A 306 4.21 24.03 31.59
C ALA A 306 2.99 24.52 30.81
N ARG A 307 2.95 24.20 29.49
CA ARG A 307 1.87 24.56 28.58
C ARG A 307 0.70 23.58 28.72
N MET A 308 0.41 22.76 27.68
CA MET A 308 -0.72 21.81 27.67
C MET A 308 -0.64 20.86 28.87
N LYS A 309 -1.38 21.19 29.93
CA LYS A 309 -1.44 20.44 31.20
C LYS A 309 -2.84 20.51 31.83
N LYS A 310 -3.22 19.46 32.59
CA LYS A 310 -4.51 19.33 33.29
C LYS A 310 -4.56 20.23 34.52
N TYR A 311 -5.60 21.06 34.64
CA TYR A 311 -5.77 21.98 35.77
C TYR A 311 -6.95 21.52 36.63
N THR A 312 -6.68 21.19 37.91
CA THR A 312 -7.70 20.72 38.85
C THR A 312 -8.17 21.90 39.75
N CYS A 313 -9.47 21.92 40.09
CA CYS A 313 -10.11 22.95 40.91
C CYS A 313 -9.84 22.70 42.39
N THR A 314 -9.49 23.77 43.12
CA THR A 314 -9.20 23.71 44.55
C THR A 314 -10.48 23.95 45.40
N VAL A 315 -11.68 23.81 44.79
CA VAL A 315 -12.95 24.01 45.48
C VAL A 315 -13.82 22.74 45.36
N CYS A 316 -14.19 22.32 44.13
CA CYS A 316 -15.05 21.14 43.93
C CYS A 316 -14.30 19.97 43.24
N GLY A 317 -13.00 20.15 43.00
CA GLY A 317 -12.14 19.13 42.39
C GLY A 317 -12.35 18.87 40.91
N TYR A 318 -12.91 19.86 40.18
CA TYR A 318 -13.15 19.78 38.74
C TYR A 318 -11.81 19.75 38.00
N ILE A 319 -11.54 18.65 37.27
CA ILE A 319 -10.30 18.47 36.51
C ILE A 319 -10.52 18.93 35.06
N TYR A 320 -9.94 20.08 34.70
CA TYR A 320 -10.03 20.59 33.33
C TYR A 320 -8.99 19.90 32.47
N ASN A 321 -9.43 19.19 31.42
CA ASN A 321 -8.53 18.52 30.49
C ASN A 321 -8.46 19.30 29.19
N PRO A 322 -7.24 19.69 28.73
CA PRO A 322 -7.15 20.46 27.47
C PRO A 322 -7.68 19.72 26.25
N GLU A 323 -7.56 18.37 26.21
CA GLU A 323 -8.05 17.51 25.13
C GLU A 323 -9.58 17.53 25.04
N ASP A 324 -10.26 17.82 26.17
CA ASP A 324 -11.71 17.86 26.27
C ASP A 324 -12.29 19.28 26.12
N GLY A 325 -11.66 20.26 26.76
CA GLY A 325 -12.10 21.65 26.76
C GLY A 325 -13.32 21.83 27.65
N ASP A 326 -14.23 22.74 27.26
CA ASP A 326 -15.51 23.04 27.95
C ASP A 326 -16.48 23.57 26.89
N PRO A 327 -16.99 22.68 26.00
CA PRO A 327 -17.80 23.14 24.86
C PRO A 327 -19.08 23.89 25.20
N ASP A 328 -19.80 23.48 26.26
CA ASP A 328 -21.05 24.12 26.67
C ASP A 328 -20.83 25.53 27.24
N ASN A 329 -19.58 25.87 27.63
CA ASN A 329 -19.21 27.19 28.13
C ASN A 329 -18.32 27.94 27.11
N GLY A 330 -18.37 27.50 25.85
CA GLY A 330 -17.65 28.12 24.74
C GLY A 330 -16.25 27.62 24.45
N VAL A 331 -15.62 26.92 25.41
CA VAL A 331 -14.24 26.41 25.26
C VAL A 331 -14.25 25.17 24.35
N ASN A 332 -13.92 25.35 23.06
CA ASN A 332 -13.85 24.28 22.07
C ASN A 332 -12.71 23.28 22.42
N PRO A 333 -12.84 21.96 22.14
CA PRO A 333 -11.78 21.01 22.53
C PRO A 333 -10.41 21.31 21.91
N GLY A 334 -9.37 21.10 22.72
CA GLY A 334 -7.98 21.34 22.35
C GLY A 334 -7.54 22.75 22.72
N THR A 335 -7.92 23.22 23.92
CA THR A 335 -7.60 24.57 24.36
C THR A 335 -6.83 24.56 25.69
N ASP A 336 -5.70 25.29 25.72
CA ASP A 336 -4.83 25.45 26.89
C ASP A 336 -5.46 26.43 27.89
N PHE A 337 -5.41 26.09 29.20
CA PHE A 337 -5.95 26.91 30.30
C PHE A 337 -5.33 28.31 30.35
N LYS A 338 -4.06 28.44 29.91
CA LYS A 338 -3.32 29.70 29.86
C LYS A 338 -3.84 30.60 28.72
N ASP A 339 -4.69 30.05 27.83
CA ASP A 339 -5.26 30.79 26.68
C ASP A 339 -6.76 31.11 26.86
N ILE A 340 -7.45 30.41 27.79
CA ILE A 340 -8.87 30.65 28.08
C ILE A 340 -9.03 32.05 28.72
N PRO A 341 -9.98 32.92 28.25
CA PRO A 341 -10.11 34.26 28.85
C PRO A 341 -10.34 34.23 30.37
N ASP A 342 -9.80 35.25 31.06
CA ASP A 342 -9.84 35.42 32.52
C ASP A 342 -11.27 35.48 33.12
N ASP A 343 -12.30 35.73 32.28
CA ASP A 343 -13.70 35.79 32.73
C ASP A 343 -14.28 34.38 33.00
N TRP A 344 -13.61 33.32 32.50
CA TRP A 344 -14.04 31.93 32.65
C TRP A 344 -14.00 31.49 34.11
N VAL A 345 -15.06 30.78 34.52
CA VAL A 345 -15.27 30.23 35.86
C VAL A 345 -15.50 28.72 35.73
N CYS A 346 -15.35 27.98 36.85
CA CYS A 346 -15.54 26.53 36.88
C CYS A 346 -16.99 26.19 36.49
N PRO A 347 -17.21 25.22 35.57
CA PRO A 347 -18.59 24.89 35.18
C PRO A 347 -19.30 23.98 36.19
N LEU A 348 -18.74 23.83 37.41
CA LEU A 348 -19.34 23.01 38.45
C LEU A 348 -19.57 23.81 39.74
N CYS A 349 -18.58 24.62 40.19
CA CYS A 349 -18.69 25.41 41.42
C CYS A 349 -18.72 26.94 41.16
N GLY A 350 -18.45 27.36 39.92
CA GLY A 350 -18.48 28.75 39.52
C GLY A 350 -17.35 29.63 40.02
N VAL A 351 -16.30 29.03 40.60
CA VAL A 351 -15.13 29.77 41.09
C VAL A 351 -14.22 30.06 39.88
N GLY A 352 -13.66 31.27 39.83
CA GLY A 352 -12.78 31.72 38.75
C GLY A 352 -11.47 30.98 38.66
N LYS A 353 -10.72 31.20 37.55
CA LYS A 353 -9.41 30.60 37.25
C LYS A 353 -8.38 30.88 38.36
N ASP A 354 -8.64 31.92 39.18
CA ASP A 354 -7.85 32.38 40.32
C ASP A 354 -7.52 31.23 41.29
N GLN A 355 -8.48 30.30 41.53
CA GLN A 355 -8.29 29.16 42.42
C GLN A 355 -8.21 27.84 41.63
N PHE A 356 -7.33 27.79 40.61
CA PHE A 356 -7.11 26.60 39.78
C PHE A 356 -5.62 26.24 39.74
N GLU A 357 -5.29 25.03 40.24
CA GLU A 357 -3.92 24.51 40.29
C GLU A 357 -3.73 23.38 39.30
N GLU A 358 -2.63 23.41 38.54
CA GLU A 358 -2.30 22.38 37.53
C GLU A 358 -1.68 21.14 38.15
N VAL A 359 -1.78 20.00 37.44
CA VAL A 359 -1.19 18.75 37.87
C VAL A 359 0.29 18.81 37.47
N GLU A 360 1.16 19.04 38.46
CA GLU A 360 2.61 19.17 38.29
C GLU A 360 3.26 17.78 38.08
N CYS A 361 2.58 16.90 37.32
CA CYS A 361 3.02 15.55 37.01
C CYS A 361 2.42 15.10 35.68
N LEU A 362 3.29 14.73 34.73
CA LEU A 362 2.88 14.25 33.42
C LEU A 362 2.88 12.72 33.43
N LYS A 363 1.70 12.11 33.21
CA LYS A 363 1.54 10.65 33.18
C LYS A 363 1.84 10.11 31.75
N PRO A 364 2.40 8.88 31.59
CA PRO A 364 2.74 8.38 30.24
C PRO A 364 1.53 8.03 29.36
N SER A 365 0.32 8.03 29.93
CA SER A 365 -0.94 7.72 29.23
C SER A 365 -1.60 8.99 28.62
N ASP A 366 -1.20 10.19 29.11
CA ASP A 366 -1.73 11.48 28.69
C ASP A 366 -1.23 11.94 27.31
N LEU A 367 -2.07 12.76 26.62
CA LEU A 367 -1.87 13.37 25.30
C LEU A 367 -1.62 12.29 24.23
N ARG A 368 -2.56 11.31 24.15
CA ARG A 368 -2.55 10.13 23.28
C ARG A 368 -1.30 9.27 23.53
N SER A 369 -0.86 9.19 24.81
CA SER A 369 0.30 8.46 25.32
C SER A 369 1.58 8.88 24.57
N PHE A 370 1.97 10.16 24.71
CA PHE A 370 3.13 10.75 24.05
C PHE A 370 4.46 10.19 24.60
N LEU A 371 4.54 9.92 25.91
CA LEU A 371 5.77 9.43 26.55
C LEU A 371 6.11 7.99 26.15
N THR A 372 5.10 7.10 26.11
CA THR A 372 5.26 5.69 25.73
C THR A 372 5.76 5.59 24.28
N MET A 373 5.11 6.32 23.34
CA MET A 373 5.45 6.36 21.90
C MET A 373 6.85 6.93 21.69
N PHE A 374 7.28 7.86 22.57
CA PHE A 374 8.62 8.45 22.56
C PHE A 374 9.63 7.37 22.93
N VAL A 375 9.37 6.63 24.04
CA VAL A 375 10.20 5.53 24.54
C VAL A 375 10.33 4.49 23.42
N VAL A 376 9.20 4.14 22.74
CA VAL A 376 9.11 3.19 21.61
C VAL A 376 10.12 3.61 20.51
N PHE A 377 10.16 4.92 20.17
CA PHE A 377 11.06 5.49 19.16
C PHE A 377 12.53 5.41 19.62
N VAL A 378 12.83 5.82 20.88
CA VAL A 378 14.19 5.79 21.44
C VAL A 378 14.72 4.36 21.41
N ILE A 379 13.87 3.38 21.83
CA ILE A 379 14.18 1.96 21.83
C ILE A 379 14.50 1.51 20.41
N PHE A 380 13.68 1.93 19.41
CA PHE A 380 13.88 1.60 18.00
C PHE A 380 15.23 2.13 17.51
N ALA A 381 15.53 3.41 17.83
CA ALA A 381 16.78 4.07 17.44
C ALA A 381 18.00 3.30 17.94
N ILE A 382 17.99 2.89 19.23
CA ILE A 382 19.06 2.13 19.90
C ILE A 382 19.33 0.81 19.16
N CYS A 383 18.27 0.04 18.84
CA CYS A 383 18.35 -1.26 18.20
C CYS A 383 18.92 -1.21 16.77
N PHE A 384 18.53 -0.19 15.97
CA PHE A 384 18.95 -0.08 14.57
C PHE A 384 20.05 0.97 14.30
N ALA A 385 20.57 1.66 15.35
CA ALA A 385 21.65 2.63 15.18
C ALA A 385 22.98 1.97 14.77
N PRO A 386 23.44 0.84 15.39
CA PRO A 386 24.74 0.28 14.98
C PRO A 386 24.72 -0.33 13.57
N LEU A 387 23.62 -1.00 13.17
CA LEU A 387 23.49 -1.63 11.85
C LEU A 387 23.50 -0.60 10.74
N ASN A 388 22.93 0.58 10.98
CA ASN A 388 22.93 1.66 10.01
C ASN A 388 24.31 2.31 9.91
N CYS A 389 25.13 2.22 11.00
CA CYS A 389 26.49 2.74 11.03
C CYS A 389 27.42 1.86 10.20
N ILE A 390 27.20 0.52 10.25
CA ILE A 390 27.97 -0.49 9.50
C ILE A 390 27.68 -0.29 7.99
N GLY A 391 26.40 -0.08 7.66
CA GLY A 391 25.96 0.18 6.29
C GLY A 391 26.40 1.52 5.75
N LEU A 392 26.72 2.47 6.65
CA LEU A 392 27.20 3.82 6.32
C LEU A 392 28.69 3.78 6.02
N ALA A 393 29.47 3.04 6.84
CA ALA A 393 30.93 2.87 6.71
C ALA A 393 31.31 2.15 5.40
N VAL A 394 30.54 1.11 5.03
CA VAL A 394 30.72 0.32 3.81
C VAL A 394 30.37 1.19 2.58
N ALA A 395 29.31 2.03 2.69
CA ALA A 395 28.87 2.94 1.62
C ALA A 395 29.92 4.01 1.29
N ILE A 396 30.71 4.44 2.29
CA ILE A 396 31.77 5.44 2.12
C ILE A 396 32.92 4.81 1.30
N ASN A 397 33.58 3.76 1.83
CA ASN A 397 34.68 3.08 1.15
C ASN A 397 34.66 1.56 1.46
N PRO A 398 34.13 0.71 0.56
CA PRO A 398 34.10 -0.73 0.85
C PRO A 398 35.44 -1.44 0.57
N GLN A 399 36.40 -0.71 -0.04
CA GLN A 399 37.72 -1.22 -0.39
C GLN A 399 38.61 -1.37 0.86
N GLU A 400 38.35 -0.58 1.92
CA GLU A 400 39.15 -0.60 3.15
C GLU A 400 38.31 -0.72 4.44
N MET A 401 37.08 -0.16 4.45
CA MET A 401 36.23 -0.17 5.66
C MET A 401 35.38 -1.45 5.79
N ALA A 402 35.14 -2.20 4.70
CA ALA A 402 34.38 -3.45 4.74
C ALA A 402 35.15 -4.57 5.50
N PRO A 403 36.46 -4.88 5.24
CA PRO A 403 37.12 -5.92 6.03
C PRO A 403 37.51 -5.45 7.45
N GLN A 404 37.52 -4.11 7.67
CA GLN A 404 37.86 -3.47 8.95
C GLN A 404 36.77 -3.69 10.03
N ILE A 405 35.51 -3.91 9.61
CA ILE A 405 34.38 -4.15 10.51
C ILE A 405 34.47 -5.59 11.06
N PRO A 406 34.56 -5.78 12.41
CA PRO A 406 34.68 -7.15 12.96
C PRO A 406 33.42 -7.99 12.76
N GLU A 407 33.59 -9.33 12.65
CA GLU A 407 32.49 -10.28 12.47
C GLU A 407 31.65 -10.39 13.74
N GLY A 408 32.30 -10.23 14.91
CA GLY A 408 31.66 -10.26 16.21
C GLY A 408 30.74 -9.07 16.42
N LEU A 409 31.19 -7.88 15.96
CA LEU A 409 30.45 -6.62 16.02
C LEU A 409 29.19 -6.66 15.17
N PHE A 410 29.23 -7.37 14.02
CA PHE A 410 28.10 -7.51 13.09
C PHE A 410 26.99 -8.35 13.71
N VAL A 411 27.34 -9.46 14.40
CA VAL A 411 26.39 -10.35 15.05
C VAL A 411 25.75 -9.62 16.24
N THR A 412 26.57 -8.92 17.06
CA THR A 412 26.16 -8.11 18.22
C THR A 412 25.12 -7.06 17.79
N SER A 413 25.37 -6.40 16.64
CA SER A 413 24.50 -5.37 16.06
C SER A 413 23.21 -5.97 15.48
N TYR A 414 23.31 -7.15 14.84
CA TYR A 414 22.16 -7.82 14.24
C TYR A 414 21.28 -8.50 15.29
N LEU A 415 21.83 -8.81 16.48
CA LEU A 415 21.10 -9.42 17.60
C LEU A 415 20.08 -8.41 18.15
N LEU A 416 20.45 -7.11 18.23
CA LEU A 416 19.60 -6.02 18.70
C LEU A 416 18.46 -5.73 17.72
N ALA A 417 18.78 -5.68 16.40
CA ALA A 417 17.85 -5.44 15.28
C ALA A 417 16.70 -6.45 15.24
N TYR A 418 17.00 -7.72 15.62
CA TYR A 418 16.03 -8.81 15.67
C TYR A 418 15.18 -8.72 16.94
N PHE A 419 15.83 -8.46 18.08
CA PHE A 419 15.23 -8.37 19.41
C PHE A 419 14.19 -7.24 19.56
N ASN A 420 14.27 -6.20 18.70
CA ASN A 420 13.35 -5.06 18.72
C ASN A 420 11.90 -5.47 18.42
N SER A 421 11.72 -6.55 17.64
CA SER A 421 10.43 -7.09 17.21
C SER A 421 9.48 -7.50 18.37
N CYS A 422 10.01 -7.83 19.56
CA CYS A 422 9.22 -8.28 20.71
C CYS A 422 9.12 -7.22 21.84
N LEU A 423 9.95 -6.16 21.79
CA LEU A 423 10.07 -5.12 22.82
C LEU A 423 8.88 -4.14 22.91
N ASN A 424 8.18 -3.87 21.78
CA ASN A 424 7.07 -2.92 21.70
C ASN A 424 5.91 -3.19 22.70
N PRO A 425 5.34 -4.40 22.88
CA PRO A 425 4.24 -4.56 23.86
C PRO A 425 4.70 -4.52 25.32
N ILE A 426 6.00 -4.78 25.56
CA ILE A 426 6.61 -4.76 26.90
C ILE A 426 6.52 -3.34 27.45
N VAL A 427 6.88 -2.32 26.63
CA VAL A 427 6.84 -0.92 27.05
C VAL A 427 5.39 -0.40 27.16
N TYR A 428 4.43 -1.00 26.41
CA TYR A 428 3.02 -0.61 26.51
C TYR A 428 2.44 -1.00 27.87
N GLY A 429 2.87 -2.15 28.39
CA GLY A 429 2.43 -2.67 29.68
C GLY A 429 3.00 -1.93 30.86
N LEU A 430 4.32 -1.70 30.85
CA LEU A 430 5.06 -1.04 31.93
C LEU A 430 4.75 0.46 32.01
N LEU A 431 4.49 1.11 30.87
CA LEU A 431 4.25 2.55 30.85
C LEU A 431 2.77 2.94 30.72
N ASP A 432 2.04 2.38 29.72
CA ASP A 432 0.62 2.73 29.53
C ASP A 432 -0.26 1.94 30.49
N GLN A 433 -0.87 2.67 31.45
CA GLN A 433 -1.76 2.15 32.49
C GLN A 433 -3.05 1.57 31.90
N ASN A 434 -3.55 2.17 30.79
CA ASN A 434 -4.76 1.74 30.08
C ASN A 434 -4.55 0.41 29.36
N PHE A 435 -3.34 0.23 28.76
CA PHE A 435 -2.99 -1.00 28.06
C PHE A 435 -2.78 -2.13 29.05
N ARG A 436 -2.15 -1.82 30.21
CA ARG A 436 -1.89 -2.71 31.33
C ARG A 436 -3.18 -3.39 31.82
N ARG A 437 -4.25 -2.59 31.96
CA ARG A 437 -5.60 -3.01 32.37
C ARG A 437 -6.20 -3.94 31.32
N GLU A 438 -6.00 -3.59 30.03
CA GLU A 438 -6.50 -4.36 28.89
C GLU A 438 -5.77 -5.70 28.75
N TYR A 439 -4.45 -5.75 29.08
CA TYR A 439 -3.68 -7.00 29.02
C TYR A 439 -4.26 -7.99 30.03
N LYS A 440 -4.54 -7.51 31.26
CA LYS A 440 -5.14 -8.29 32.35
C LYS A 440 -6.55 -8.76 31.98
N ARG A 441 -7.33 -7.88 31.31
CA ARG A 441 -8.71 -8.15 30.87
C ARG A 441 -8.79 -9.34 29.90
N ILE A 442 -7.85 -9.42 28.92
CA ILE A 442 -7.81 -10.51 27.93
C ILE A 442 -7.29 -11.80 28.60
N LEU A 443 -6.21 -11.69 29.41
CA LEU A 443 -5.59 -12.83 30.10
C LEU A 443 -6.56 -13.49 31.09
N LEU A 444 -7.40 -12.70 31.80
CA LEU A 444 -8.40 -13.21 32.74
C LEU A 444 -9.57 -13.87 31.99
N ALA A 445 -9.91 -13.36 30.79
CA ALA A 445 -10.97 -13.88 29.92
C ALA A 445 -10.58 -15.25 29.33
N LEU A 446 -9.28 -15.43 28.99
CA LEU A 446 -8.74 -16.68 28.45
C LEU A 446 -8.65 -17.75 29.54
N TRP A 447 -8.55 -17.32 30.82
CA TRP A 447 -8.47 -18.20 31.98
C TRP A 447 -9.87 -18.71 32.37
N ASN A 448 -10.85 -17.79 32.46
CA ASN A 448 -12.24 -18.10 32.80
C ASN A 448 -13.10 -18.13 31.54
N ALA B 1 -16.70 14.69 22.88
CA ALA B 1 -16.60 13.85 21.70
C ALA B 1 -17.09 14.58 20.44
N ASP B 2 -16.39 14.37 19.31
CA ASP B 2 -16.69 14.97 18.01
C ASP B 2 -17.98 14.41 17.40
N LEU B 3 -18.59 15.16 16.46
CA LEU B 3 -19.83 14.79 15.76
C LEU B 3 -19.65 13.55 14.89
N GLU B 4 -18.43 13.34 14.34
CA GLU B 4 -18.08 12.20 13.49
C GLU B 4 -17.98 10.91 14.32
N ASP B 5 -17.42 11.02 15.55
CA ASP B 5 -17.24 9.92 16.49
C ASP B 5 -18.59 9.45 17.05
N ASN B 6 -19.49 10.41 17.41
CA ASN B 6 -20.82 10.13 17.95
C ASN B 6 -21.73 9.51 16.88
N TRP B 7 -21.46 9.80 15.59
CA TRP B 7 -22.20 9.26 14.45
C TRP B 7 -21.93 7.76 14.30
N GLU B 8 -20.71 7.32 14.70
CA GLU B 8 -20.27 5.93 14.67
C GLU B 8 -20.70 5.19 15.96
N THR B 9 -21.13 5.95 16.99
CA THR B 9 -21.58 5.41 18.28
C THR B 9 -23.06 4.97 18.19
N LEU B 10 -23.92 5.82 17.60
CA LEU B 10 -25.36 5.57 17.46
C LEU B 10 -25.65 4.44 16.46
N ASN B 11 -24.88 4.36 15.35
CA ASN B 11 -25.04 3.35 14.31
C ASN B 11 -24.53 1.97 14.76
N ASP B 12 -23.50 1.93 15.64
CA ASP B 12 -22.95 0.68 16.16
C ASP B 12 -23.89 0.03 17.18
N ASN B 13 -24.54 0.86 18.02
CA ASN B 13 -25.50 0.44 19.06
C ASN B 13 -26.83 0.00 18.43
N LEU B 14 -27.14 0.51 17.22
CA LEU B 14 -28.36 0.19 16.46
C LEU B 14 -28.30 -1.23 15.89
N LYS B 15 -27.08 -1.72 15.58
CA LYS B 15 -26.80 -3.05 15.04
C LYS B 15 -26.89 -4.12 16.15
N VAL B 16 -26.62 -3.73 17.42
CA VAL B 16 -26.65 -4.59 18.59
C VAL B 16 -28.09 -4.92 19.00
N ILE B 17 -29.06 -4.04 18.66
CA ILE B 17 -30.48 -4.21 18.97
C ILE B 17 -31.14 -5.19 17.98
N GLU B 18 -30.61 -5.27 16.73
CA GLU B 18 -31.09 -6.15 15.67
C GLU B 18 -30.69 -7.61 15.91
N LYS B 19 -29.49 -7.85 16.50
CA LYS B 19 -28.98 -9.19 16.79
C LYS B 19 -29.17 -9.57 18.28
N ALA B 20 -29.99 -8.79 19.03
CA ALA B 20 -30.30 -9.00 20.44
C ALA B 20 -31.25 -10.19 20.66
N ASP B 21 -31.18 -10.80 21.87
CA ASP B 21 -32.01 -11.95 22.25
C ASP B 21 -33.08 -11.57 23.27
N ASN B 22 -32.72 -10.79 24.32
CA ASN B 22 -33.63 -10.35 25.38
C ASN B 22 -33.74 -8.81 25.45
N ALA B 23 -34.74 -8.31 26.21
CA ALA B 23 -35.03 -6.88 26.40
C ALA B 23 -33.94 -6.13 27.19
N ALA B 24 -33.18 -6.86 28.05
CA ALA B 24 -32.09 -6.30 28.87
C ALA B 24 -30.90 -5.84 28.01
N GLN B 25 -30.66 -6.51 26.87
CA GLN B 25 -29.59 -6.19 25.93
C GLN B 25 -30.00 -5.07 24.96
N VAL B 26 -31.31 -4.76 24.88
CA VAL B 26 -31.86 -3.71 24.01
C VAL B 26 -32.04 -2.39 24.75
N LYS B 27 -32.45 -2.44 26.04
CA LYS B 27 -32.67 -1.26 26.90
C LYS B 27 -31.34 -0.57 27.24
N ASP B 28 -30.26 -1.35 27.47
CA ASP B 28 -28.92 -0.85 27.78
C ASP B 28 -28.30 -0.18 26.55
N ALA B 29 -28.60 -0.71 25.35
CA ALA B 29 -28.12 -0.18 24.07
C ALA B 29 -28.85 1.12 23.71
N LEU B 30 -30.14 1.24 24.10
CA LEU B 30 -30.97 2.41 23.84
C LEU B 30 -30.55 3.58 24.75
N THR B 31 -29.97 3.29 25.94
CA THR B 31 -29.48 4.29 26.90
C THR B 31 -28.21 4.95 26.38
N LYS B 32 -27.29 4.14 25.80
CA LYS B 32 -26.02 4.61 25.24
C LYS B 32 -26.26 5.38 23.93
N MET B 33 -27.22 4.93 23.11
CA MET B 33 -27.57 5.56 21.83
C MET B 33 -28.23 6.94 22.02
N ARG B 34 -29.01 7.10 23.11
CA ARG B 34 -29.71 8.35 23.43
C ARG B 34 -28.74 9.42 23.96
N ALA B 35 -27.72 9.00 24.74
CA ALA B 35 -26.69 9.88 25.30
C ALA B 35 -25.77 10.41 24.19
N ALA B 36 -25.51 9.57 23.17
CA ALA B 36 -24.69 9.91 22.01
C ALA B 36 -25.44 10.80 21.03
N ALA B 37 -26.77 10.61 20.90
CA ALA B 37 -27.65 11.41 20.02
C ALA B 37 -27.79 12.83 20.55
N LEU B 38 -27.80 12.98 21.90
CA LEU B 38 -27.88 14.26 22.61
C LEU B 38 -26.55 15.02 22.47
N ASP B 39 -25.42 14.29 22.48
CA ASP B 39 -24.05 14.81 22.33
C ASP B 39 -23.83 15.26 20.88
N ALA B 40 -24.49 14.57 19.92
CA ALA B 40 -24.46 14.86 18.48
C ALA B 40 -25.21 16.16 18.16
N GLN B 41 -26.26 16.46 18.95
CA GLN B 41 -27.07 17.68 18.81
C GLN B 41 -26.29 18.91 19.27
N LYS B 42 -25.36 18.73 20.23
CA LYS B 42 -24.54 19.81 20.78
C LYS B 42 -23.14 19.81 20.11
N ALA B 43 -23.13 19.72 18.76
CA ALA B 43 -21.92 19.72 17.91
C ALA B 43 -22.24 20.28 16.52
N THR B 44 -21.36 21.17 16.02
CA THR B 44 -21.49 21.85 14.73
C THR B 44 -21.27 20.89 13.55
N PRO B 45 -22.08 21.01 12.46
CA PRO B 45 -21.89 20.13 11.28
C PRO B 45 -20.60 20.43 10.52
N PRO B 46 -19.97 19.44 9.83
CA PRO B 46 -18.71 19.74 9.13
C PRO B 46 -18.90 20.54 7.83
N LYS B 47 -20.00 20.31 7.10
CA LYS B 47 -20.31 21.00 5.85
C LYS B 47 -20.71 22.46 6.12
N LEU B 48 -21.63 22.68 7.07
CA LEU B 48 -22.11 24.01 7.46
C LEU B 48 -21.35 24.49 8.72
N GLU B 49 -20.00 24.38 8.68
CA GLU B 49 -19.09 24.77 9.77
C GLU B 49 -18.99 26.29 9.90
N ASP B 50 -19.09 27.02 8.78
CA ASP B 50 -19.02 28.47 8.74
C ASP B 50 -20.30 29.12 9.31
N LYS B 51 -21.46 28.46 9.09
CA LYS B 51 -22.78 28.89 9.53
C LYS B 51 -22.93 28.86 11.06
N SER B 52 -23.63 29.86 11.60
CA SER B 52 -23.94 29.99 13.02
C SER B 52 -25.01 28.93 13.43
N PRO B 53 -25.15 28.57 14.72
CA PRO B 53 -26.17 27.56 15.10
C PRO B 53 -27.62 28.01 14.87
N ASP B 54 -27.88 29.33 14.85
CA ASP B 54 -29.21 29.90 14.65
C ASP B 54 -29.54 30.15 13.16
N SER B 55 -28.52 30.07 12.27
CA SER B 55 -28.67 30.26 10.82
C SER B 55 -29.39 29.07 10.19
N PRO B 56 -30.07 29.30 9.04
CA PRO B 56 -31.15 28.39 8.63
C PRO B 56 -30.62 27.08 8.03
N GLU B 57 -29.31 27.04 7.72
CA GLU B 57 -28.60 25.87 7.19
C GLU B 57 -28.28 24.89 8.33
N MET B 58 -27.86 25.42 9.50
CA MET B 58 -27.52 24.68 10.71
C MET B 58 -28.73 24.55 11.67
N LYS B 59 -29.73 25.43 11.52
CA LYS B 59 -30.96 25.43 12.32
C LYS B 59 -31.86 24.25 11.95
N ASP B 60 -31.84 23.84 10.66
CA ASP B 60 -32.60 22.71 10.13
C ASP B 60 -32.04 21.39 10.66
N PHE B 61 -30.72 21.36 10.90
CA PHE B 61 -29.98 20.23 11.45
C PHE B 61 -30.23 20.10 12.95
N ARG B 62 -30.45 21.23 13.66
CA ARG B 62 -30.72 21.27 15.09
C ARG B 62 -32.14 20.74 15.38
N HIS B 63 -33.13 21.15 14.56
CA HIS B 63 -34.52 20.73 14.66
C HIS B 63 -34.69 19.25 14.27
N GLY B 64 -33.90 18.82 13.27
CA GLY B 64 -33.89 17.46 12.77
C GLY B 64 -33.38 16.43 13.76
N PHE B 65 -32.46 16.85 14.66
CA PHE B 65 -31.85 16.01 15.70
C PHE B 65 -32.86 15.67 16.81
N ASP B 66 -33.92 16.47 16.95
CA ASP B 66 -34.97 16.31 17.96
C ASP B 66 -36.04 15.30 17.50
N ILE B 67 -36.13 15.03 16.18
CA ILE B 67 -37.11 14.10 15.59
C ILE B 67 -36.75 12.65 15.95
N LEU B 68 -35.46 12.23 15.78
CA LEU B 68 -35.06 10.86 16.12
C LEU B 68 -34.81 10.69 17.63
N VAL B 69 -34.62 11.81 18.36
CA VAL B 69 -34.42 11.81 19.82
C VAL B 69 -35.75 11.48 20.53
N GLY B 70 -36.86 11.82 19.88
CA GLY B 70 -38.21 11.56 20.35
C GLY B 70 -38.68 10.17 19.99
N GLN B 71 -38.23 9.64 18.83
CA GLN B 71 -38.58 8.30 18.33
C GLN B 71 -37.85 7.22 19.14
N ILE B 72 -36.65 7.57 19.68
CA ILE B 72 -35.83 6.70 20.52
C ILE B 72 -36.46 6.60 21.92
N ASP B 73 -37.17 7.67 22.35
CA ASP B 73 -37.88 7.76 23.63
C ASP B 73 -39.11 6.84 23.62
N ASP B 74 -39.81 6.78 22.47
CA ASP B 74 -40.98 5.93 22.26
C ASP B 74 -40.58 4.46 22.14
N ALA B 75 -39.36 4.20 21.63
CA ALA B 75 -38.79 2.86 21.48
C ALA B 75 -38.33 2.29 22.83
N LEU B 76 -37.97 3.18 23.78
CA LEU B 76 -37.53 2.81 25.13
C LEU B 76 -38.73 2.41 26.02
N LYS B 77 -39.95 2.82 25.62
CA LYS B 77 -41.20 2.52 26.33
C LYS B 77 -41.64 1.06 26.13
N LEU B 78 -41.49 0.53 24.89
CA LEU B 78 -41.85 -0.86 24.53
C LEU B 78 -40.92 -1.86 25.21
N ALA B 79 -39.60 -1.56 25.25
CA ALA B 79 -38.57 -2.40 25.87
C ALA B 79 -38.70 -2.40 27.40
N ASN B 80 -39.23 -1.29 27.98
CA ASN B 80 -39.46 -1.13 29.42
C ASN B 80 -40.56 -2.10 29.91
N GLU B 81 -41.58 -2.34 29.06
CA GLU B 81 -42.68 -3.26 29.33
C GLU B 81 -42.20 -4.72 29.28
N GLY B 82 -41.29 -5.00 28.34
CA GLY B 82 -40.70 -6.32 28.14
C GLY B 82 -40.64 -6.81 26.70
N LYS B 83 -41.03 -5.95 25.73
CA LYS B 83 -41.07 -6.29 24.31
C LYS B 83 -39.69 -6.24 23.66
N VAL B 84 -39.33 -7.32 22.95
CA VAL B 84 -38.07 -7.47 22.21
C VAL B 84 -38.32 -7.29 20.71
N LYS B 85 -39.37 -7.95 20.17
CA LYS B 85 -39.74 -7.88 18.75
C LYS B 85 -40.28 -6.50 18.36
N GLU B 86 -41.10 -5.87 19.23
CA GLU B 86 -41.69 -4.54 19.01
C GLU B 86 -40.65 -3.42 19.09
N ALA B 87 -39.54 -3.64 19.82
CA ALA B 87 -38.46 -2.66 20.00
C ALA B 87 -37.46 -2.69 18.83
N GLN B 88 -37.34 -3.84 18.14
CA GLN B 88 -36.44 -4.05 16.99
C GLN B 88 -36.86 -3.23 15.77
N ALA B 89 -38.18 -3.16 15.49
CA ALA B 89 -38.74 -2.44 14.34
C ALA B 89 -38.71 -0.92 14.55
N ALA B 90 -38.84 -0.45 15.82
CA ALA B 90 -38.83 0.97 16.19
C ALA B 90 -37.41 1.55 16.28
N ALA B 91 -36.38 0.71 16.04
CA ALA B 91 -34.97 1.11 16.08
C ALA B 91 -34.27 0.90 14.71
N GLU B 92 -34.87 0.07 13.82
CA GLU B 92 -34.33 -0.24 12.50
C GLU B 92 -35.03 0.55 11.39
N GLN B 93 -36.35 0.77 11.51
CA GLN B 93 -37.16 1.49 10.51
C GLN B 93 -37.51 2.91 10.95
N LEU B 94 -37.98 3.09 12.22
CA LEU B 94 -38.38 4.38 12.78
C LEU B 94 -37.19 5.34 12.97
N LYS B 95 -35.98 4.79 13.14
CA LYS B 95 -34.75 5.57 13.32
C LYS B 95 -34.12 5.92 11.96
N THR B 96 -34.30 5.05 10.95
CA THR B 96 -33.77 5.23 9.59
C THR B 96 -34.61 6.23 8.78
N THR B 97 -35.93 6.30 9.03
CA THR B 97 -36.84 7.20 8.32
C THR B 97 -36.84 8.60 8.95
N ARG B 98 -36.55 8.71 10.27
CA ARG B 98 -36.48 9.98 11.00
C ARG B 98 -35.26 10.80 10.57
N ASN B 99 -34.15 10.10 10.26
CA ASN B 99 -32.89 10.69 9.80
C ASN B 99 -32.96 11.05 8.30
N ALA B 100 -33.89 10.42 7.55
CA ALA B 100 -34.11 10.63 6.11
C ALA B 100 -34.71 12.02 5.83
N TYR B 101 -35.74 12.42 6.61
CA TYR B 101 -36.42 13.70 6.48
C TYR B 101 -35.54 14.87 6.96
N ILE B 102 -34.52 14.57 7.81
CA ILE B 102 -33.56 15.52 8.35
C ILE B 102 -32.61 16.05 7.26
N GLN B 103 -32.50 15.30 6.13
CA GLN B 103 -31.68 15.56 4.93
C GLN B 103 -30.17 15.44 5.21
N LYS B 104 -29.66 16.12 6.26
CA LYS B 104 -28.25 16.12 6.64
C LYS B 104 -27.82 14.78 7.27
N TYR B 105 -28.73 14.15 8.04
CA TYR B 105 -28.49 12.86 8.72
C TYR B 105 -28.61 11.68 7.73
N LEU B 106 -29.25 11.90 6.56
CA LEU B 106 -29.43 10.89 5.51
C LEU B 106 -28.21 10.76 4.59
N GLY B 107 -27.52 11.88 4.36
CA GLY B 107 -26.33 11.97 3.52
C GLY B 107 -25.12 11.18 4.01
N ASP B 108 -24.90 11.17 5.34
CA ASP B 108 -23.80 10.44 5.99
C ASP B 108 -24.14 8.95 6.17
N GLY B 109 -25.43 8.60 6.06
CA GLY B 109 -25.94 7.23 6.19
C GLY B 109 -26.09 6.47 4.89
N ALA B 110 -26.45 7.17 3.79
CA ALA B 110 -26.64 6.57 2.47
C ALA B 110 -25.30 6.18 1.82
N ARG B 111 -24.33 7.12 1.75
CA ARG B 111 -23.01 6.88 1.16
C ARG B 111 -22.13 6.11 2.16
N PRO B 112 -21.69 4.88 1.82
CA PRO B 112 -20.87 4.10 2.78
C PRO B 112 -19.50 4.75 3.04
N SER B 113 -18.99 4.56 4.26
CA SER B 113 -17.74 5.13 4.76
C SER B 113 -16.47 4.66 3.99
N TRP B 114 -16.51 3.47 3.34
CA TRP B 114 -15.36 2.89 2.64
C TRP B 114 -15.07 3.50 1.26
N VAL B 115 -16.03 4.19 0.62
CA VAL B 115 -15.82 4.71 -0.74
C VAL B 115 -14.80 5.86 -0.74
N ALA B 116 -14.90 6.83 0.20
CA ALA B 116 -14.03 8.00 0.33
C ALA B 116 -12.53 7.61 0.44
N PRO B 117 -12.07 6.70 1.33
CA PRO B 117 -10.63 6.37 1.35
C PRO B 117 -10.19 5.45 0.21
N ALA B 118 -11.04 4.46 -0.19
CA ALA B 118 -10.73 3.50 -1.26
C ALA B 118 -10.58 4.18 -2.62
N LEU B 119 -11.36 5.25 -2.86
CA LEU B 119 -11.25 6.01 -4.12
C LEU B 119 -9.92 6.77 -4.12
N SER B 120 -9.61 7.52 -3.03
CA SER B 120 -8.35 8.27 -2.90
C SER B 120 -7.13 7.35 -2.85
N ALA B 121 -7.30 6.09 -2.40
CA ALA B 121 -6.21 5.10 -2.39
C ALA B 121 -5.92 4.61 -3.81
N VAL B 122 -6.98 4.35 -4.62
CA VAL B 122 -6.85 3.90 -6.01
C VAL B 122 -6.31 5.07 -6.86
N LEU B 123 -6.87 6.28 -6.67
CA LEU B 123 -6.50 7.51 -7.39
C LEU B 123 -5.04 7.91 -7.18
N ILE B 124 -4.52 7.82 -5.94
CA ILE B 124 -3.12 8.18 -5.67
C ILE B 124 -2.22 7.18 -6.41
N VAL B 125 -2.46 5.87 -6.24
CA VAL B 125 -1.70 4.77 -6.85
C VAL B 125 -1.73 4.91 -8.40
N THR B 126 -2.93 5.06 -9.01
CA THR B 126 -3.09 5.18 -10.46
C THR B 126 -2.32 6.39 -11.02
N THR B 127 -2.60 7.61 -10.49
CA THR B 127 -1.96 8.87 -10.92
C THR B 127 -0.42 8.80 -10.77
N ALA B 128 0.09 8.19 -9.68
CA ALA B 128 1.52 8.05 -9.44
C ALA B 128 2.20 7.09 -10.42
N VAL B 129 1.57 5.92 -10.71
CA VAL B 129 2.11 4.91 -11.63
C VAL B 129 1.98 5.40 -13.09
N ASP B 130 0.86 6.09 -13.42
CA ASP B 130 0.56 6.63 -14.74
C ASP B 130 1.60 7.66 -15.21
N VAL B 131 1.81 8.72 -14.40
CA VAL B 131 2.72 9.83 -14.66
C VAL B 131 4.19 9.35 -14.81
N VAL B 132 4.56 8.20 -14.22
CA VAL B 132 5.93 7.66 -14.27
C VAL B 132 6.04 6.61 -15.38
N GLY B 133 5.24 5.54 -15.28
CA GLY B 133 5.21 4.41 -16.21
C GLY B 133 4.93 4.77 -17.66
N ASN B 134 3.80 5.47 -17.91
CA ASN B 134 3.39 5.87 -19.28
C ASN B 134 4.35 6.91 -19.86
N LEU B 135 5.03 7.69 -18.99
CA LEU B 135 6.04 8.67 -19.40
C LEU B 135 7.28 7.95 -19.93
N LEU B 136 7.66 6.83 -19.28
CA LEU B 136 8.79 5.98 -19.66
C LEU B 136 8.56 5.32 -21.02
N VAL B 137 7.28 5.02 -21.35
CA VAL B 137 6.88 4.42 -22.64
C VAL B 137 7.16 5.46 -23.72
N ILE B 138 6.69 6.72 -23.53
CA ILE B 138 6.91 7.85 -24.44
C ILE B 138 8.43 8.04 -24.67
N LEU B 139 9.21 8.02 -23.57
CA LEU B 139 10.68 8.17 -23.57
C LEU B 139 11.39 7.05 -24.33
N SER B 140 10.96 5.78 -24.10
CA SER B 140 11.56 4.60 -24.74
C SER B 140 11.24 4.49 -26.23
N VAL B 141 10.05 4.99 -26.67
CA VAL B 141 9.65 4.93 -28.08
C VAL B 141 10.35 6.07 -28.84
N LEU B 142 10.51 7.25 -28.21
CA LEU B 142 11.16 8.41 -28.84
C LEU B 142 12.68 8.24 -28.98
N ARG B 143 13.34 7.45 -28.09
CA ARG B 143 14.80 7.23 -28.09
C ARG B 143 15.34 6.75 -29.47
N ASN B 144 16.27 7.54 -30.06
CA ASN B 144 16.95 7.33 -31.35
C ASN B 144 15.99 7.08 -32.54
N ARG B 145 16.33 6.10 -33.41
CA ARG B 145 15.60 5.73 -34.64
C ARG B 145 14.38 4.81 -34.40
N LYS B 146 13.94 4.63 -33.14
CA LYS B 146 12.81 3.77 -32.80
C LYS B 146 11.48 4.35 -33.31
N LEU B 147 11.42 5.68 -33.51
CA LEU B 147 10.26 6.45 -33.97
C LEU B 147 9.63 5.91 -35.27
N ARG B 148 10.47 5.58 -36.29
CA ARG B 148 9.99 5.11 -37.58
C ARG B 148 9.48 3.65 -37.50
N ASN B 149 8.22 3.52 -37.04
CA ASN B 149 7.50 2.25 -36.91
C ASN B 149 6.00 2.48 -36.79
N ALA B 150 5.21 1.53 -37.33
CA ALA B 150 3.75 1.51 -37.36
C ALA B 150 3.16 1.33 -35.95
N GLY B 151 3.49 0.20 -35.31
CA GLY B 151 3.04 -0.16 -33.97
C GLY B 151 3.55 0.75 -32.88
N ASN B 152 4.75 1.35 -33.07
CA ASN B 152 5.40 2.26 -32.12
C ASN B 152 4.71 3.62 -32.04
N LEU B 153 4.18 4.10 -33.17
CA LEU B 153 3.50 5.39 -33.21
C LEU B 153 2.12 5.33 -32.56
N PHE B 154 1.45 4.15 -32.56
CA PHE B 154 0.13 4.03 -31.94
C PHE B 154 0.25 3.97 -30.42
N LEU B 155 1.40 3.52 -29.90
CA LEU B 155 1.66 3.42 -28.47
C LEU B 155 1.84 4.78 -27.84
N VAL B 156 2.43 5.73 -28.59
CA VAL B 156 2.64 7.11 -28.14
C VAL B 156 1.25 7.77 -27.94
N SER B 157 0.34 7.52 -28.91
CA SER B 157 -1.05 7.99 -28.92
C SER B 157 -1.83 7.44 -27.73
N LEU B 158 -1.70 6.12 -27.45
CA LEU B 158 -2.38 5.43 -26.37
C LEU B 158 -1.82 5.85 -25.00
N ALA B 159 -0.50 6.07 -24.89
CA ALA B 159 0.16 6.49 -23.63
C ALA B 159 -0.19 7.95 -23.29
N LEU B 160 -0.40 8.80 -24.30
CA LEU B 160 -0.81 10.20 -24.12
C LEU B 160 -2.26 10.29 -23.63
N ALA B 161 -3.11 9.31 -24.03
CA ALA B 161 -4.51 9.16 -23.62
C ALA B 161 -4.58 8.80 -22.14
N ASN B 162 -3.64 7.96 -21.71
CA ASN B 162 -3.50 7.52 -20.34
C ASN B 162 -2.92 8.63 -19.48
N LEU B 163 -1.90 9.36 -19.99
CA LEU B 163 -1.22 10.41 -19.25
C LEU B 163 -2.11 11.63 -18.95
N VAL B 164 -2.77 12.20 -19.97
CA VAL B 164 -3.58 13.43 -19.89
C VAL B 164 -4.66 13.36 -18.76
N VAL B 165 -5.22 12.17 -18.46
CA VAL B 165 -6.25 11.98 -17.43
C VAL B 165 -5.64 12.09 -16.01
N ALA B 166 -4.31 11.91 -15.87
CA ALA B 166 -3.63 11.99 -14.58
C ALA B 166 -3.23 13.42 -14.23
N PHE B 167 -3.11 14.29 -15.24
CA PHE B 167 -2.67 15.67 -15.05
C PHE B 167 -3.80 16.65 -14.72
N TYR B 168 -5.01 16.46 -15.27
CA TYR B 168 -6.09 17.42 -15.04
C TYR B 168 -7.28 16.83 -14.24
N PRO B 169 -8.05 15.81 -14.69
CA PRO B 169 -9.22 15.37 -13.90
C PRO B 169 -8.90 14.62 -12.59
N TYR B 170 -8.03 13.57 -12.61
CA TYR B 170 -7.70 12.77 -11.41
C TYR B 170 -7.31 13.62 -10.18
N PRO B 171 -6.42 14.66 -10.27
CA PRO B 171 -6.12 15.46 -9.06
C PRO B 171 -7.32 16.27 -8.56
N LEU B 172 -8.18 16.77 -9.47
CA LEU B 172 -9.38 17.55 -9.10
C LEU B 172 -10.37 16.66 -8.36
N ILE B 173 -10.48 15.37 -8.76
CA ILE B 173 -11.34 14.37 -8.12
C ILE B 173 -10.84 14.15 -6.69
N LEU B 174 -9.51 14.10 -6.50
CA LEU B 174 -8.88 13.91 -5.19
C LEU B 174 -9.18 15.10 -4.26
N VAL B 175 -9.27 16.32 -4.82
CA VAL B 175 -9.59 17.53 -4.05
C VAL B 175 -11.09 17.50 -3.66
N ALA B 176 -11.94 16.97 -4.57
CA ALA B 176 -13.39 16.84 -4.37
C ALA B 176 -13.75 15.79 -3.28
N ILE B 177 -12.79 14.91 -2.90
CA ILE B 177 -13.00 13.92 -1.84
C ILE B 177 -12.77 14.57 -0.49
N PHE B 178 -11.57 15.17 -0.29
CA PHE B 178 -11.10 15.81 0.93
C PHE B 178 -11.97 17.01 1.34
N TYR B 179 -12.42 17.81 0.36
CA TYR B 179 -13.28 18.99 0.58
C TYR B 179 -14.77 18.59 0.62
N ASP B 180 -15.10 17.34 0.19
CA ASP B 180 -16.43 16.73 0.11
C ASP B 180 -17.35 17.59 -0.76
N GLY B 181 -17.22 17.38 -2.07
CA GLY B 181 -17.96 18.12 -3.08
C GLY B 181 -17.03 18.81 -4.07
N TRP B 182 -17.53 19.09 -5.29
CA TRP B 182 -16.75 19.74 -6.34
C TRP B 182 -16.42 21.18 -5.93
N ALA B 183 -15.15 21.38 -5.52
CA ALA B 183 -14.59 22.67 -5.04
C ALA B 183 -14.26 23.64 -6.18
N PHE B 184 -14.32 23.17 -7.43
CA PHE B 184 -14.01 23.95 -8.63
C PHE B 184 -15.30 24.38 -9.34
N GLY B 185 -15.19 25.30 -10.29
CA GLY B 185 -16.31 25.85 -11.04
C GLY B 185 -17.03 24.86 -11.95
N GLU B 186 -18.12 25.31 -12.60
CA GLU B 186 -18.90 24.48 -13.52
C GLU B 186 -18.14 24.28 -14.83
N GLU B 187 -17.31 25.27 -15.24
CA GLU B 187 -16.49 25.18 -16.45
C GLU B 187 -15.40 24.10 -16.26
N HIS B 188 -14.82 24.01 -15.04
CA HIS B 188 -13.83 23.00 -14.68
C HIS B 188 -14.47 21.63 -14.51
N CYS B 189 -15.78 21.60 -14.22
CA CYS B 189 -16.57 20.38 -14.03
C CYS B 189 -16.83 19.70 -15.38
N LYS B 190 -17.44 20.43 -16.33
CA LYS B 190 -17.76 19.94 -17.66
C LYS B 190 -16.51 19.53 -18.46
N ALA B 191 -15.38 20.25 -18.25
CA ALA B 191 -14.10 19.98 -18.91
C ALA B 191 -13.47 18.68 -18.41
N SER B 192 -13.43 18.46 -17.07
CA SER B 192 -12.88 17.26 -16.43
C SER B 192 -13.51 16.00 -16.98
N ALA B 193 -14.86 16.00 -17.10
CA ALA B 193 -15.66 14.92 -17.65
C ALA B 193 -15.31 14.66 -19.12
N PHE B 194 -15.15 15.74 -19.91
CA PHE B 194 -14.81 15.70 -21.33
C PHE B 194 -13.39 15.14 -21.54
N VAL B 195 -12.43 15.54 -20.70
CA VAL B 195 -11.03 15.07 -20.75
C VAL B 195 -11.03 13.55 -20.53
N MET B 196 -11.80 13.06 -19.54
CA MET B 196 -11.96 11.63 -19.23
C MET B 196 -12.62 10.88 -20.39
N GLY B 197 -13.50 11.56 -21.13
CA GLY B 197 -14.18 11.02 -22.29
C GLY B 197 -13.22 10.72 -23.42
N LEU B 198 -12.28 11.65 -23.69
CA LEU B 198 -11.24 11.50 -24.71
C LEU B 198 -10.32 10.36 -24.34
N SER B 199 -9.95 10.28 -23.04
CA SER B 199 -9.08 9.26 -22.49
C SER B 199 -9.70 7.87 -22.58
N VAL B 200 -11.02 7.74 -22.35
CA VAL B 200 -11.70 6.44 -22.39
C VAL B 200 -11.96 6.03 -23.84
N ILE B 201 -12.77 6.82 -24.61
CA ILE B 201 -13.15 6.52 -26.00
C ILE B 201 -11.90 6.48 -26.91
N GLY B 202 -10.96 7.39 -26.70
CA GLY B 202 -9.70 7.46 -27.44
C GLY B 202 -8.85 6.20 -27.30
N SER B 203 -8.84 5.61 -26.09
CA SER B 203 -8.12 4.37 -25.81
C SER B 203 -8.79 3.19 -26.53
N VAL B 204 -10.15 3.16 -26.57
CA VAL B 204 -10.95 2.11 -27.23
C VAL B 204 -10.56 2.04 -28.70
N TRP B 205 -10.61 3.18 -29.39
CA TRP B 205 -10.33 3.23 -30.83
C TRP B 205 -8.83 3.11 -31.14
N ASN B 206 -7.94 3.39 -30.17
CA ASN B 206 -6.50 3.20 -30.39
C ASN B 206 -6.18 1.72 -30.35
N ILE B 207 -6.83 0.97 -29.42
CA ILE B 207 -6.70 -0.48 -29.25
C ILE B 207 -7.24 -1.20 -30.53
N THR B 208 -8.39 -0.73 -31.06
CA THR B 208 -9.02 -1.32 -32.27
C THR B 208 -8.13 -1.10 -33.50
N ALA B 209 -7.54 0.11 -33.64
CA ALA B 209 -6.66 0.48 -34.75
C ALA B 209 -5.37 -0.36 -34.73
N ILE B 210 -4.97 -0.80 -33.52
CA ILE B 210 -3.81 -1.66 -33.29
C ILE B 210 -4.20 -3.09 -33.67
N ALA B 211 -5.43 -3.52 -33.30
CA ALA B 211 -6.00 -4.84 -33.56
C ALA B 211 -6.19 -5.10 -35.06
N ILE B 212 -6.40 -4.04 -35.86
CA ILE B 212 -6.55 -4.10 -37.31
C ILE B 212 -5.15 -4.24 -37.95
N ASP B 213 -4.19 -3.38 -37.51
CA ASP B 213 -2.80 -3.32 -37.96
C ASP B 213 -2.08 -4.65 -37.70
N ARG B 214 -2.39 -5.30 -36.55
CA ARG B 214 -1.81 -6.58 -36.20
C ARG B 214 -2.59 -7.74 -36.85
N TYR B 215 -3.83 -7.47 -37.32
CA TYR B 215 -4.60 -8.49 -38.02
C TYR B 215 -4.11 -8.64 -39.45
N LEU B 216 -3.90 -7.50 -40.14
CA LEU B 216 -3.44 -7.48 -41.54
C LEU B 216 -1.94 -7.82 -41.67
N TYR B 217 -1.14 -7.68 -40.60
CA TYR B 217 0.30 -7.99 -40.62
C TYR B 217 0.54 -9.51 -40.53
N ILE B 218 -0.36 -10.27 -39.86
CA ILE B 218 -0.24 -11.72 -39.70
C ILE B 218 -1.12 -12.42 -40.76
N CYS B 219 -2.41 -12.07 -40.84
CA CYS B 219 -3.34 -12.60 -41.85
C CYS B 219 -3.33 -11.63 -43.02
N HIS B 220 -3.26 -12.12 -44.28
CA HIS B 220 -3.19 -11.31 -45.50
C HIS B 220 -1.91 -10.43 -45.46
N SER B 221 -0.79 -11.04 -45.02
CA SER B 221 0.53 -10.41 -44.87
C SER B 221 1.11 -9.98 -46.22
N MET B 222 0.78 -10.75 -47.30
CA MET B 222 1.21 -10.47 -48.67
C MET B 222 0.55 -9.18 -49.17
N ALA B 223 -0.77 -9.05 -48.93
CA ALA B 223 -1.60 -7.88 -49.29
C ALA B 223 -1.36 -6.72 -48.32
N TYR B 224 -0.60 -6.95 -47.24
CA TYR B 224 -0.26 -5.92 -46.25
C TYR B 224 0.95 -5.13 -46.74
N HIS B 225 2.08 -5.81 -47.05
CA HIS B 225 3.33 -5.17 -47.47
C HIS B 225 3.17 -4.44 -48.83
N ARG B 226 2.14 -4.80 -49.63
CA ARG B 226 1.83 -4.15 -50.90
C ARG B 226 1.29 -2.72 -50.64
N ILE B 227 0.60 -2.52 -49.50
CA ILE B 227 0.03 -1.23 -49.09
C ILE B 227 1.03 -0.51 -48.18
N TYR B 228 1.26 0.81 -48.43
CA TYR B 228 2.19 1.66 -47.68
C TYR B 228 1.77 1.77 -46.21
N ARG B 229 2.75 1.93 -45.30
CA ARG B 229 2.48 2.03 -43.86
C ARG B 229 3.16 3.25 -43.22
N ARG B 230 4.16 3.83 -43.91
CA ARG B 230 4.96 4.96 -43.45
C ARG B 230 4.12 6.19 -43.05
N TRP B 231 3.32 6.76 -44.00
CA TRP B 231 2.51 7.95 -43.73
C TRP B 231 1.06 7.58 -43.37
N HIS B 232 0.70 6.29 -43.50
CA HIS B 232 -0.65 5.81 -43.23
C HIS B 232 -0.97 5.82 -41.73
N THR B 233 -0.10 5.24 -40.86
CA THR B 233 -0.35 5.16 -39.42
C THR B 233 -0.39 6.57 -38.73
N PRO B 234 0.48 7.59 -39.03
CA PRO B 234 0.31 8.90 -38.37
C PRO B 234 -1.02 9.57 -38.75
N LEU B 235 -1.54 9.29 -39.96
CA LEU B 235 -2.82 9.79 -40.46
C LEU B 235 -3.98 9.17 -39.67
N HIS B 236 -3.93 7.83 -39.44
CA HIS B 236 -4.96 7.08 -38.72
C HIS B 236 -5.08 7.55 -37.28
N ILE B 237 -3.94 7.87 -36.61
CA ILE B 237 -3.87 8.36 -35.23
C ILE B 237 -4.64 9.70 -35.14
N CYS B 238 -4.47 10.57 -36.16
CA CYS B 238 -5.12 11.87 -36.26
C CYS B 238 -6.64 11.72 -36.43
N LEU B 239 -7.07 10.80 -37.31
CA LEU B 239 -8.47 10.53 -37.62
C LEU B 239 -9.24 9.94 -36.43
N ILE B 240 -8.66 8.95 -35.71
CA ILE B 240 -9.29 8.28 -34.57
C ILE B 240 -9.48 9.25 -33.38
N TRP B 241 -8.61 10.28 -33.28
CA TRP B 241 -8.71 11.29 -32.23
C TRP B 241 -9.79 12.32 -32.54
N LEU B 242 -9.98 12.65 -33.84
CA LEU B 242 -11.01 13.59 -34.30
C LEU B 242 -12.40 12.96 -34.20
N LEU B 243 -12.50 11.64 -34.48
CA LEU B 243 -13.72 10.83 -34.38
C LEU B 243 -14.20 10.78 -32.91
N THR B 244 -13.25 10.78 -31.95
CA THR B 244 -13.48 10.77 -30.51
C THR B 244 -14.17 12.08 -30.09
N VAL B 245 -13.65 13.25 -30.52
CA VAL B 245 -14.17 14.60 -30.24
C VAL B 245 -15.62 14.73 -30.77
N VAL B 246 -15.85 14.22 -31.99
CA VAL B 246 -17.15 14.19 -32.68
C VAL B 246 -18.17 13.38 -31.83
N ALA B 247 -17.74 12.21 -31.33
CA ALA B 247 -18.55 11.31 -30.51
C ALA B 247 -18.85 11.87 -29.10
N LEU B 248 -18.03 12.83 -28.64
CA LEU B 248 -18.12 13.46 -27.33
C LEU B 248 -18.90 14.79 -27.33
N LEU B 249 -19.21 15.34 -28.50
CA LEU B 249 -19.96 16.59 -28.63
C LEU B 249 -21.45 16.47 -28.23
N PRO B 250 -22.19 15.35 -28.43
CA PRO B 250 -23.61 15.30 -27.99
C PRO B 250 -23.83 15.50 -26.49
N ASN B 251 -22.77 15.35 -25.68
CA ASN B 251 -22.77 15.58 -24.22
C ASN B 251 -23.06 17.04 -23.90
N PHE B 252 -22.57 17.96 -24.75
CA PHE B 252 -22.77 19.41 -24.62
C PHE B 252 -24.22 19.82 -24.91
N PHE B 253 -24.94 19.03 -25.71
CA PHE B 253 -26.34 19.29 -26.07
C PHE B 253 -27.30 18.64 -25.08
N VAL B 254 -27.03 17.38 -24.68
CA VAL B 254 -27.88 16.63 -23.73
C VAL B 254 -27.68 17.18 -22.29
N GLY B 255 -26.45 17.53 -21.94
CA GLY B 255 -26.10 18.04 -20.62
C GLY B 255 -25.84 16.91 -19.63
N SER B 256 -25.14 15.86 -20.09
CA SER B 256 -24.80 14.64 -19.35
C SER B 256 -23.49 14.79 -18.54
N LEU B 257 -22.77 15.92 -18.70
CA LEU B 257 -21.53 16.14 -17.97
C LEU B 257 -21.80 17.02 -16.74
N GLU B 258 -22.14 16.36 -15.61
CA GLU B 258 -22.45 17.00 -14.33
C GLU B 258 -21.78 16.21 -13.17
N TYR B 259 -21.64 16.86 -12.00
CA TYR B 259 -21.01 16.27 -10.83
C TYR B 259 -21.85 15.12 -10.24
N ASP B 260 -21.17 13.98 -10.04
CA ASP B 260 -21.72 12.76 -9.45
C ASP B 260 -21.17 12.67 -8.02
N PRO B 261 -22.00 12.84 -6.98
CA PRO B 261 -21.47 12.80 -5.60
C PRO B 261 -21.09 11.40 -5.14
N ARG B 262 -21.68 10.35 -5.77
CA ARG B 262 -21.43 8.92 -5.47
C ARG B 262 -19.95 8.55 -5.53
N ILE B 263 -19.29 8.96 -6.63
CA ILE B 263 -17.90 8.67 -6.91
C ILE B 263 -17.03 9.96 -6.84
N TYR B 264 -17.54 11.02 -6.15
CA TYR B 264 -16.90 12.33 -5.94
C TYR B 264 -16.31 12.96 -7.21
N SER B 265 -16.69 12.47 -8.40
CA SER B 265 -16.12 12.95 -9.66
C SER B 265 -17.14 13.46 -10.64
N CYS B 266 -16.81 14.58 -11.28
CA CYS B 266 -17.63 15.20 -12.31
C CYS B 266 -17.41 14.37 -13.58
N THR B 267 -18.40 13.53 -13.92
CA THR B 267 -18.35 12.61 -15.05
C THR B 267 -19.70 12.49 -15.78
N PHE B 268 -19.75 11.63 -16.82
CA PHE B 268 -20.90 11.33 -17.66
C PHE B 268 -22.05 10.70 -16.87
N ILE B 269 -23.29 11.17 -17.12
CA ILE B 269 -24.52 10.70 -16.47
C ILE B 269 -25.33 9.83 -17.45
N GLN B 270 -25.67 8.62 -16.99
CA GLN B 270 -26.38 7.58 -17.74
C GLN B 270 -27.90 7.83 -17.85
N THR B 271 -28.48 8.59 -16.91
CA THR B 271 -29.93 8.87 -16.86
C THR B 271 -30.34 10.12 -17.67
N ALA B 272 -29.37 10.97 -18.09
CA ALA B 272 -29.60 12.21 -18.85
C ALA B 272 -30.35 11.97 -20.16
N SER B 273 -30.00 10.89 -20.88
CA SER B 273 -30.62 10.44 -22.15
C SER B 273 -30.31 8.97 -22.38
N THR B 274 -31.35 8.12 -22.36
CA THR B 274 -31.19 6.67 -22.57
C THR B 274 -30.91 6.34 -24.05
N GLN B 275 -31.13 7.31 -24.96
CA GLN B 275 -30.87 7.17 -26.40
C GLN B 275 -29.37 7.31 -26.72
N TYR B 276 -28.70 8.32 -26.12
CA TYR B 276 -27.28 8.58 -26.32
C TYR B 276 -26.41 7.55 -25.58
N THR B 277 -26.80 7.15 -24.35
CA THR B 277 -26.06 6.17 -23.56
C THR B 277 -26.06 4.82 -24.27
N ALA B 278 -27.21 4.44 -24.87
CA ALA B 278 -27.35 3.19 -25.63
C ALA B 278 -26.32 3.14 -26.77
N ALA B 279 -26.08 4.28 -27.42
CA ALA B 279 -25.10 4.43 -28.50
C ALA B 279 -23.66 4.28 -27.98
N VAL B 280 -23.40 4.74 -26.74
CA VAL B 280 -22.07 4.67 -26.12
C VAL B 280 -21.76 3.21 -25.72
N VAL B 281 -22.76 2.47 -25.22
CA VAL B 281 -22.60 1.07 -24.82
C VAL B 281 -22.44 0.17 -26.06
N VAL B 282 -23.21 0.42 -27.14
CA VAL B 282 -23.15 -0.42 -28.36
C VAL B 282 -21.99 0.03 -29.28
N ILE B 283 -22.12 1.20 -29.94
CA ILE B 283 -21.18 1.74 -30.94
C ILE B 283 -19.78 2.04 -30.34
N HIS B 284 -19.66 2.28 -29.02
CA HIS B 284 -18.35 2.60 -28.44
C HIS B 284 -17.80 1.54 -27.47
N PHE B 285 -18.44 0.35 -27.37
CA PHE B 285 -17.91 -0.72 -26.54
C PHE B 285 -18.25 -2.09 -27.14
N LEU B 286 -19.54 -2.48 -27.14
CA LEU B 286 -20.00 -3.77 -27.64
C LEU B 286 -19.54 -4.06 -29.07
N LEU B 287 -19.59 -3.06 -29.99
CA LEU B 287 -19.15 -3.22 -31.37
C LEU B 287 -17.59 -3.24 -31.45
N PRO B 288 -16.83 -2.21 -30.97
CA PRO B 288 -15.35 -2.29 -31.08
C PRO B 288 -14.72 -3.48 -30.33
N ILE B 289 -15.36 -4.03 -29.26
CA ILE B 289 -14.84 -5.22 -28.56
C ILE B 289 -15.02 -6.43 -29.49
N ALA B 290 -16.19 -6.52 -30.16
CA ALA B 290 -16.56 -7.61 -31.08
C ALA B 290 -15.60 -7.72 -32.27
N VAL B 291 -15.18 -6.59 -32.87
CA VAL B 291 -14.27 -6.60 -34.02
C VAL B 291 -12.85 -6.99 -33.58
N VAL B 292 -12.46 -6.63 -32.35
CA VAL B 292 -11.13 -6.93 -31.80
C VAL B 292 -11.08 -8.40 -31.41
N SER B 293 -12.13 -8.92 -30.77
CA SER B 293 -12.25 -10.32 -30.34
C SER B 293 -12.09 -11.28 -31.53
N PHE B 294 -12.60 -10.89 -32.71
CA PHE B 294 -12.51 -11.65 -33.96
C PHE B 294 -11.09 -11.56 -34.53
N CYS B 295 -10.49 -10.35 -34.48
CA CYS B 295 -9.14 -10.08 -35.00
C CYS B 295 -8.10 -11.00 -34.35
N TYR B 296 -8.08 -11.06 -33.01
CA TYR B 296 -7.12 -11.88 -32.28
C TYR B 296 -7.49 -13.38 -32.27
N LEU B 297 -8.78 -13.71 -32.53
CA LEU B 297 -9.22 -15.11 -32.64
C LEU B 297 -8.61 -15.73 -33.90
N ARG B 298 -8.60 -14.97 -35.02
CA ARG B 298 -8.03 -15.37 -36.30
C ARG B 298 -6.51 -15.47 -36.23
N ILE B 299 -5.84 -14.69 -35.35
CA ILE B 299 -4.38 -14.74 -35.17
C ILE B 299 -4.03 -15.94 -34.28
N TRP B 300 -4.82 -16.16 -33.21
CA TRP B 300 -4.59 -17.27 -32.28
C TRP B 300 -4.80 -18.64 -32.94
N VAL B 301 -5.73 -18.74 -33.92
CA VAL B 301 -5.97 -20.01 -34.65
C VAL B 301 -4.79 -20.31 -35.59
N LEU B 302 -4.11 -19.24 -36.07
CA LEU B 302 -2.92 -19.30 -36.95
C LEU B 302 -1.71 -19.80 -36.15
N VAL B 303 -1.56 -19.31 -34.89
CA VAL B 303 -0.49 -19.67 -33.96
C VAL B 303 -0.72 -21.13 -33.49
N LEU B 304 -1.98 -21.49 -33.20
CA LEU B 304 -2.40 -22.83 -32.76
C LEU B 304 -2.14 -23.89 -33.85
N GLN B 305 -2.47 -23.58 -35.13
CA GLN B 305 -2.27 -24.49 -36.25
C GLN B 305 -0.80 -24.51 -36.73
N ALA B 306 0.04 -23.58 -36.23
CA ALA B 306 1.47 -23.50 -36.55
C ALA B 306 2.29 -24.47 -35.69
N ARG B 307 1.79 -24.80 -34.48
CA ARG B 307 2.43 -25.70 -33.52
C ARG B 307 2.44 -27.15 -34.03
N CYS B 361 3.51 -16.84 -23.28
CA CYS B 361 2.56 -17.96 -23.29
C CYS B 361 3.30 -19.31 -23.46
N LEU B 362 2.55 -20.41 -23.71
CA LEU B 362 3.05 -21.77 -23.86
C LEU B 362 3.89 -21.97 -25.15
N LYS B 363 3.70 -21.09 -26.16
CA LYS B 363 4.38 -21.14 -27.46
C LYS B 363 5.73 -20.36 -27.44
N PRO B 364 6.65 -20.55 -28.43
CA PRO B 364 7.95 -19.84 -28.41
C PRO B 364 7.89 -18.31 -28.51
N SER B 365 9.07 -17.67 -28.34
CA SER B 365 9.39 -16.23 -28.30
C SER B 365 8.80 -15.37 -29.45
N ASP B 366 8.38 -15.96 -30.60
CA ASP B 366 7.84 -15.21 -31.73
C ASP B 366 6.40 -14.67 -31.47
N LEU B 367 5.68 -15.25 -30.49
CA LEU B 367 4.33 -14.83 -30.10
C LEU B 367 4.37 -13.49 -29.36
N ARG B 368 5.45 -13.25 -28.58
CA ARG B 368 5.73 -12.07 -27.74
C ARG B 368 5.50 -10.70 -28.43
N SER B 369 5.49 -10.63 -29.78
CA SER B 369 5.26 -9.40 -30.53
C SER B 369 3.76 -9.10 -30.70
N PHE B 370 2.94 -10.14 -30.90
CA PHE B 370 1.48 -10.07 -31.09
C PHE B 370 0.73 -10.09 -29.76
N LEU B 371 1.18 -10.94 -28.82
CA LEU B 371 0.62 -11.17 -27.47
C LEU B 371 0.49 -9.88 -26.65
N THR B 372 1.53 -9.02 -26.65
CA THR B 372 1.59 -7.78 -25.89
C THR B 372 0.43 -6.80 -26.22
N MET B 373 -0.26 -7.01 -27.36
CA MET B 373 -1.39 -6.17 -27.76
C MET B 373 -2.74 -6.87 -27.49
N PHE B 374 -2.71 -8.18 -27.27
CA PHE B 374 -3.89 -8.97 -26.92
C PHE B 374 -4.18 -8.75 -25.45
N VAL B 375 -3.12 -8.77 -24.60
CA VAL B 375 -3.15 -8.58 -23.15
C VAL B 375 -3.72 -7.19 -22.81
N VAL B 376 -3.35 -6.13 -23.57
CA VAL B 376 -3.79 -4.73 -23.40
C VAL B 376 -5.33 -4.64 -23.54
N PHE B 377 -5.87 -5.26 -24.61
CA PHE B 377 -7.31 -5.28 -24.91
C PHE B 377 -8.09 -6.08 -23.86
N VAL B 378 -7.59 -7.30 -23.50
CA VAL B 378 -8.22 -8.19 -22.53
C VAL B 378 -8.37 -7.45 -21.19
N ILE B 379 -7.29 -6.80 -20.70
CA ILE B 379 -7.26 -6.00 -19.47
C ILE B 379 -8.24 -4.83 -19.59
N PHE B 380 -8.27 -4.15 -20.76
CA PHE B 380 -9.18 -3.03 -21.02
C PHE B 380 -10.64 -3.48 -20.91
N ALA B 381 -11.00 -4.60 -21.57
CA ALA B 381 -12.36 -5.13 -21.55
C ALA B 381 -12.82 -5.41 -20.12
N ILE B 382 -11.97 -6.07 -19.28
CA ILE B 382 -12.26 -6.40 -17.87
C ILE B 382 -12.59 -5.14 -17.06
N CYS B 383 -11.78 -4.07 -17.20
CA CYS B 383 -11.93 -2.81 -16.47
C CYS B 383 -13.22 -2.05 -16.82
N PHE B 384 -13.62 -2.03 -18.11
CA PHE B 384 -14.79 -1.28 -18.59
C PHE B 384 -16.04 -2.14 -18.87
N ALA B 385 -15.98 -3.46 -18.66
CA ALA B 385 -17.14 -4.34 -18.87
C ALA B 385 -18.27 -4.07 -17.84
N PRO B 386 -18.01 -3.93 -16.50
CA PRO B 386 -19.14 -3.70 -15.58
C PRO B 386 -19.82 -2.34 -15.75
N LEU B 387 -19.04 -1.27 -16.03
CA LEU B 387 -19.57 0.09 -16.19
C LEU B 387 -20.47 0.18 -17.41
N ASN B 388 -20.15 -0.57 -18.47
CA ASN B 388 -20.95 -0.58 -19.68
C ASN B 388 -22.23 -1.40 -19.45
N CYS B 389 -22.21 -2.36 -18.49
CA CYS B 389 -23.38 -3.16 -18.13
C CYS B 389 -24.39 -2.33 -17.34
N ILE B 390 -23.90 -1.43 -16.47
CA ILE B 390 -24.70 -0.51 -15.65
C ILE B 390 -25.41 0.48 -16.59
N GLY B 391 -24.66 1.01 -17.57
CA GLY B 391 -25.16 1.93 -18.58
C GLY B 391 -26.13 1.28 -19.57
N LEU B 392 -26.06 -0.06 -19.69
CA LEU B 392 -26.93 -0.86 -20.56
C LEU B 392 -28.27 -1.13 -19.87
N ALA B 393 -28.23 -1.47 -18.56
CA ALA B 393 -29.40 -1.75 -17.72
C ALA B 393 -30.30 -0.51 -17.57
N VAL B 394 -29.69 0.68 -17.37
CA VAL B 394 -30.36 1.97 -17.23
C VAL B 394 -31.01 2.36 -18.57
N ALA B 395 -30.31 2.10 -19.70
CA ALA B 395 -30.79 2.38 -21.07
C ALA B 395 -32.04 1.58 -21.43
N ILE B 396 -32.17 0.35 -20.90
CA ILE B 396 -33.31 -0.53 -21.13
C ILE B 396 -34.54 0.06 -20.41
N ASN B 397 -34.52 0.15 -19.06
CA ASN B 397 -35.62 0.70 -18.27
C ASN B 397 -35.09 1.48 -17.05
N PRO B 398 -35.01 2.82 -17.10
CA PRO B 398 -34.51 3.57 -15.94
C PRO B 398 -35.56 3.77 -14.84
N GLN B 399 -36.82 3.41 -15.13
CA GLN B 399 -37.95 3.53 -14.19
C GLN B 399 -37.87 2.48 -13.07
N GLU B 400 -37.22 1.32 -13.32
CA GLU B 400 -37.12 0.24 -12.34
C GLU B 400 -35.68 -0.30 -12.15
N MET B 401 -34.83 -0.27 -13.22
CA MET B 401 -33.46 -0.80 -13.14
C MET B 401 -32.44 0.22 -12.61
N ALA B 402 -32.74 1.54 -12.66
CA ALA B 402 -31.83 2.57 -12.14
C ALA B 402 -31.73 2.52 -10.59
N PRO B 403 -32.83 2.47 -9.78
CA PRO B 403 -32.65 2.37 -8.32
C PRO B 403 -32.24 0.97 -7.85
N GLN B 404 -32.41 -0.05 -8.72
CA GLN B 404 -32.07 -1.46 -8.45
C GLN B 404 -30.55 -1.69 -8.41
N ILE B 405 -29.76 -0.85 -9.10
CA ILE B 405 -28.30 -0.94 -9.15
C ILE B 405 -27.71 -0.42 -7.82
N PRO B 406 -26.96 -1.26 -7.06
CA PRO B 406 -26.42 -0.79 -5.76
C PRO B 406 -25.37 0.30 -5.91
N GLU B 407 -25.27 1.19 -4.90
CA GLU B 407 -24.31 2.30 -4.86
C GLU B 407 -22.88 1.77 -4.68
N GLY B 408 -22.75 0.66 -3.95
CA GLY B 408 -21.48 -0.01 -3.69
C GLY B 408 -20.90 -0.62 -4.96
N LEU B 409 -21.79 -1.21 -5.79
CA LEU B 409 -21.45 -1.84 -7.07
C LEU B 409 -20.95 -0.81 -8.08
N PHE B 410 -21.50 0.42 -8.04
CA PHE B 410 -21.12 1.52 -8.93
C PHE B 410 -19.71 2.02 -8.65
N VAL B 411 -19.34 2.13 -7.35
CA VAL B 411 -18.01 2.58 -6.92
C VAL B 411 -16.97 1.51 -7.28
N THR B 412 -17.31 0.22 -7.01
CA THR B 412 -16.48 -0.95 -7.31
C THR B 412 -16.17 -1.01 -8.81
N SER B 413 -17.18 -0.72 -9.66
CA SER B 413 -17.07 -0.72 -11.12
C SER B 413 -16.26 0.50 -11.61
N TYR B 414 -16.46 1.68 -10.98
CA TYR B 414 -15.75 2.90 -11.36
C TYR B 414 -14.30 2.91 -10.88
N LEU B 415 -13.97 2.10 -9.85
CA LEU B 415 -12.61 1.97 -9.32
C LEU B 415 -11.72 1.27 -10.35
N LEU B 416 -12.25 0.26 -11.07
CA LEU B 416 -11.56 -0.50 -12.12
C LEU B 416 -11.31 0.38 -13.35
N ALA B 417 -12.33 1.14 -13.79
CA ALA B 417 -12.32 2.05 -14.94
C ALA B 417 -11.22 3.12 -14.82
N TYR B 418 -10.95 3.59 -13.59
CA TYR B 418 -9.93 4.57 -13.29
C TYR B 418 -8.55 3.93 -13.25
N PHE B 419 -8.45 2.76 -12.61
CA PHE B 419 -7.22 1.98 -12.40
C PHE B 419 -6.58 1.50 -13.72
N ASN B 420 -7.36 1.39 -14.81
CA ASN B 420 -6.89 0.94 -16.11
C ASN B 420 -5.83 1.89 -16.71
N SER B 421 -5.90 3.18 -16.36
CA SER B 421 -5.03 4.27 -16.84
C SER B 421 -3.52 4.05 -16.52
N CYS B 422 -3.17 3.27 -15.47
CA CYS B 422 -1.78 3.02 -15.06
C CYS B 422 -1.28 1.60 -15.40
N LEU B 423 -2.19 0.67 -15.76
CA LEU B 423 -1.91 -0.75 -16.02
C LEU B 423 -1.14 -1.06 -17.33
N ASN B 424 -1.29 -0.22 -18.37
CA ASN B 424 -0.67 -0.42 -19.69
C ASN B 424 0.88 -0.55 -19.65
N PRO B 425 1.69 0.31 -18.98
CA PRO B 425 3.15 0.11 -19.00
C PRO B 425 3.62 -1.08 -18.15
N ILE B 426 2.80 -1.52 -17.17
CA ILE B 426 3.09 -2.65 -16.29
C ILE B 426 3.18 -3.91 -17.15
N VAL B 427 2.22 -4.12 -18.08
CA VAL B 427 2.21 -5.30 -18.96
C VAL B 427 3.33 -5.21 -20.03
N TYR B 428 3.77 -4.00 -20.40
CA TYR B 428 4.87 -3.84 -21.37
C TYR B 428 6.20 -4.33 -20.76
N GLY B 429 6.38 -4.11 -19.46
CA GLY B 429 7.58 -4.51 -18.74
C GLY B 429 7.66 -6.00 -18.47
N LEU B 430 6.55 -6.57 -17.97
CA LEU B 430 6.46 -7.99 -17.62
C LEU B 430 6.45 -8.90 -18.86
N LEU B 431 5.87 -8.44 -19.98
CA LEU B 431 5.76 -9.27 -21.19
C LEU B 431 6.80 -8.92 -22.28
N ASP B 432 6.94 -7.63 -22.66
CA ASP B 432 7.89 -7.25 -23.71
C ASP B 432 9.30 -7.11 -23.13
N GLN B 433 10.20 -8.03 -23.56
CA GLN B 433 11.59 -8.11 -23.16
C GLN B 433 12.40 -6.88 -23.63
N ASN B 434 12.06 -6.33 -24.81
CA ASN B 434 12.70 -5.16 -25.40
C ASN B 434 12.36 -3.89 -24.61
N PHE B 435 11.09 -3.76 -24.15
CA PHE B 435 10.63 -2.62 -23.37
C PHE B 435 11.26 -2.66 -21.97
N ARG B 436 11.35 -3.87 -21.39
CA ARG B 436 11.96 -4.16 -20.09
C ARG B 436 13.39 -3.62 -20.01
N ARG B 437 14.18 -3.85 -21.08
CA ARG B 437 15.56 -3.40 -21.24
C ARG B 437 15.61 -1.88 -21.32
N GLU B 438 14.66 -1.28 -22.06
CA GLU B 438 14.55 0.16 -22.24
C GLU B 438 14.13 0.87 -20.97
N TYR B 439 13.27 0.24 -20.13
CA TYR B 439 12.85 0.81 -18.84
C TYR B 439 14.07 0.95 -17.94
N LYS B 440 14.91 -0.10 -17.87
CA LYS B 440 16.15 -0.15 -17.09
C LYS B 440 17.15 0.89 -17.61
N ARG B 441 17.25 1.06 -18.95
CA ARG B 441 18.14 2.00 -19.61
C ARG B 441 17.88 3.45 -19.18
N ILE B 442 16.61 3.87 -19.13
CA ILE B 442 16.20 5.23 -18.73
C ILE B 442 16.37 5.41 -17.21
N LEU B 443 15.93 4.42 -16.41
CA LEU B 443 16.01 4.44 -14.94
C LEU B 443 17.47 4.50 -14.44
N LEU B 444 18.41 3.80 -15.12
CA LEU B 444 19.83 3.81 -14.76
C LEU B 444 20.47 5.15 -15.13
N ALA B 445 19.99 5.78 -16.24
CA ALA B 445 20.46 7.08 -16.73
C ALA B 445 20.04 8.21 -15.78
N LEU B 446 18.83 8.11 -15.20
CA LEU B 446 18.29 9.09 -14.24
C LEU B 446 18.99 8.98 -12.89
N TRP B 447 19.54 7.79 -12.57
CA TRP B 447 20.27 7.50 -11.34
C TRP B 447 21.70 8.03 -11.42
N ASN B 448 22.41 7.74 -12.54
CA ASN B 448 23.78 8.19 -12.79
C ASN B 448 23.79 9.37 -13.76
C4 JEV C . 18.70 -3.16 7.42
C3 JEV C . 20.93 -2.34 6.66
C2 JEV C . 21.63 -1.22 5.90
O2 JEV C . 21.57 -3.27 7.16
C1 JEV C . 22.18 -0.20 6.89
O1 JEV C . 16.03 -3.29 1.75
C7 JEV C . 16.43 -5.81 7.15
C8 JEV C . 16.26 -6.82 6.03
C9 JEV C . 16.14 -6.10 4.84
C10 JEV C . 15.72 -6.52 3.57
C11 JEV C . 15.65 -5.62 2.51
C12 JEV C . 16.02 -4.29 2.68
C15 JEV C . 16.23 -2.05 2.45
C14 JEV C . 16.82 -2.44 3.80
C13 JEV C . 16.47 -3.88 3.93
C16 JEV C . 16.54 -4.77 5.01
C6 JEV C . 16.93 -4.56 6.44
C5 JEV C . 18.44 -4.40 6.59
N1 JEV C . 19.58 -2.22 6.69
ZN ZN D . -14.93 23.76 40.91
C4 JEV E . -18.08 5.70 -19.33
C3 JEV E . -20.54 5.16 -19.22
C2 JEV E . -21.72 4.66 -20.05
O2 JEV E . -20.70 5.46 -18.03
C1 JEV E . -21.81 3.14 -19.95
O1 JEV E . -19.50 10.52 -23.21
C7 JEV E . -15.90 8.39 -18.91
C8 JEV E . -16.14 9.89 -18.82
C9 JEV E . -16.96 10.25 -19.90
C10 JEV E . -17.31 11.52 -20.37
C11 JEV E . -18.14 11.67 -21.48
C12 JEV E . -18.66 10.55 -22.13
C15 JEV E . -19.41 9.19 -23.74
C14 JEV E . -19.04 8.34 -22.54
C13 JEV E . -18.33 9.29 -21.65
C16 JEV E . -17.49 9.13 -20.54
C6 JEV E . -16.98 7.89 -19.86
C5 JEV E . -18.09 7.21 -19.06
N1 JEV E . -19.38 5.26 -19.91
#